data_2BHQ
#
_entry.id   2BHQ
#
_cell.length_a   102.618
_cell.length_b   102.618
_cell.length_c   279.074
_cell.angle_alpha   90.00
_cell.angle_beta   90.00
_cell.angle_gamma   120.00
#
_symmetry.space_group_name_H-M   'H 3'
#
loop_
_entity.id
_entity.type
_entity.pdbx_description
1 polymer '1-PYRROLINE-5-CARBOXYLATE DEHYDROGENASE'
2 non-polymer 'GLUTAMIC ACID'
3 non-polymer (4R)-2-METHYLPENTANE-2,4-DIOL
4 non-polymer (4S)-2-METHYL-2,4-PENTANEDIOL
5 non-polymer 'ACETATE ION'
6 water water
#
_entity_poly.entity_id   1
_entity_poly.type   'polypeptide(L)'
_entity_poly.pdbx_seq_one_letter_code
;MTVEPFRNEPIETFQTEEARRAMREALRRVREEFGRHYPLYIGGEWVDTKERMVSLNPSAPSEVVGTTAKAGKAEAEAAL
EAAWKAFKTWKDWPQEDRSRLLLKAAALMRRRKRELEATLVYEVGKNWVEASADVAEAIDFIEYYARAALRYRYPAVEVV
PYPGEDNESFYVPLGAGVVIAPWNFPVAIFTGMIVGPVAVGNTVIAKPAEDAVVVGAKVFEIFHEAGFPPGVVNFLPGVG
EEVGAYLVEHPRIRFINFTGSLEVGLKIYEAAGRLAPGQTWFKRAYVETGGKDAIIVDETADFDLAAEGVVVSAYGFQGQ
KCSAASRLILTQGAYEPVLERVLKRAERLSVGPAEENPDLGPVVSAEQERKVLSYIEIGKNEGQLVLGGKRLEGEGYFIA
PTVFTEVPPKARIAQEEIFGPVLSVIRVKDFAEALEVANDTPYGLTGGVYSRKREHLEWARREFHVGNLYFNRKITGALV
GVQPFGGFKLSGTNAKTGALDYLRLFLEMKAVAERF
;
_entity_poly.pdbx_strand_id   A,B
#
loop_
_chem_comp.id
_chem_comp.type
_chem_comp.name
_chem_comp.formula
ACT non-polymer 'ACETATE ION' 'C2 H3 O2 -1'
MPD non-polymer (4S)-2-METHYL-2,4-PENTANEDIOL 'C6 H14 O2'
MRD non-polymer (4R)-2-METHYLPENTANE-2,4-DIOL 'C6 H14 O2'
#
# COMPACT_ATOMS: atom_id res chain seq x y z
N MET A 1 20.93 12.45 -15.35
CA MET A 1 20.25 13.66 -14.81
C MET A 1 20.52 14.86 -15.70
N THR A 2 19.54 15.75 -15.80
CA THR A 2 19.69 16.94 -16.62
C THR A 2 19.70 18.20 -15.77
N VAL A 3 19.69 18.04 -14.45
CA VAL A 3 19.72 19.15 -13.52
C VAL A 3 20.74 18.82 -12.43
N GLU A 4 21.09 19.82 -11.63
CA GLU A 4 22.04 19.64 -10.54
C GLU A 4 21.50 18.65 -9.52
N PRO A 5 22.40 17.98 -8.78
CA PRO A 5 21.93 17.03 -7.77
C PRO A 5 21.07 17.78 -6.75
N PHE A 6 20.07 17.10 -6.20
CA PHE A 6 19.20 17.72 -5.21
C PHE A 6 19.98 18.23 -4.01
N ARG A 7 19.58 19.40 -3.52
CA ARG A 7 20.17 20.02 -2.33
C ARG A 7 18.98 20.67 -1.62
N ASN A 8 18.98 20.62 -0.29
CA ASN A 8 17.89 21.25 0.45
C ASN A 8 17.97 22.77 0.38
N GLU A 9 16.81 23.42 0.32
CA GLU A 9 16.73 24.87 0.27
C GLU A 9 17.13 25.40 1.65
N PRO A 10 18.07 26.35 1.69
CA PRO A 10 18.50 26.89 2.99
C PRO A 10 17.36 27.54 3.76
N ILE A 11 17.33 27.32 5.07
CA ILE A 11 16.32 27.90 5.93
C ILE A 11 16.87 29.23 6.43
N GLU A 12 16.16 30.31 6.12
CA GLU A 12 16.59 31.65 6.51
C GLU A 12 16.54 31.86 8.03
N THR A 13 17.61 32.43 8.57
CA THR A 13 17.70 32.70 10.01
C THR A 13 17.45 34.18 10.32
N PHE A 14 17.49 35.00 9.27
CA PHE A 14 17.26 36.44 9.39
C PHE A 14 18.28 37.15 10.28
N GLN A 15 19.53 36.71 10.21
CA GLN A 15 20.59 37.32 11.01
C GLN A 15 21.24 38.50 10.29
N THR A 16 21.10 38.54 8.97
CA THR A 16 21.66 39.63 8.19
C THR A 16 20.64 40.74 7.99
N GLU A 17 21.13 41.97 7.82
CA GLU A 17 20.25 43.12 7.64
C GLU A 17 19.44 42.94 6.37
N GLU A 18 20.08 42.37 5.35
CA GLU A 18 19.43 42.14 4.07
C GLU A 18 18.20 41.24 4.25
N ALA A 19 18.37 40.17 5.01
CA ALA A 19 17.27 39.22 5.24
C ALA A 19 16.16 39.88 6.06
N ARG A 20 16.54 40.67 7.05
CA ARG A 20 15.54 41.35 7.88
C ARG A 20 14.77 42.38 7.06
N ARG A 21 15.49 43.12 6.22
CA ARG A 21 14.86 44.14 5.38
C ARG A 21 13.83 43.49 4.46
N ALA A 22 14.24 42.41 3.81
CA ALA A 22 13.37 41.71 2.89
C ALA A 22 12.13 41.15 3.59
N MET A 23 12.32 40.59 4.78
CA MET A 23 11.20 40.03 5.53
C MET A 23 10.25 41.12 6.01
N ARG A 24 10.79 42.24 6.48
CA ARG A 24 9.93 43.33 6.94
C ARG A 24 9.06 43.84 5.80
N GLU A 25 9.63 43.97 4.60
CA GLU A 25 8.86 44.45 3.47
C GLU A 25 7.78 43.43 3.09
N ALA A 26 8.14 42.15 3.12
CA ALA A 26 7.18 41.10 2.79
C ALA A 26 6.03 41.09 3.80
N LEU A 27 6.34 41.21 5.08
CA LEU A 27 5.32 41.23 6.12
C LEU A 27 4.41 42.44 5.93
N ARG A 28 5.01 43.59 5.62
CA ARG A 28 4.21 44.79 5.42
C ARG A 28 3.25 44.66 4.24
N ARG A 29 3.75 44.13 3.12
CA ARG A 29 2.87 43.96 1.95
C ARG A 29 1.75 42.96 2.19
N VAL A 30 2.04 41.88 2.91
CA VAL A 30 0.99 40.90 3.20
C VAL A 30 -0.06 41.52 4.10
N ARG A 31 0.38 42.26 5.12
CA ARG A 31 -0.54 42.92 6.04
C ARG A 31 -1.41 43.93 5.30
N GLU A 32 -0.79 44.68 4.39
CA GLU A 32 -1.51 45.69 3.62
C GLU A 32 -2.48 45.04 2.65
N GLU A 33 -2.32 43.74 2.46
CA GLU A 33 -3.16 42.95 1.56
C GLU A 33 -4.31 42.26 2.31
N PHE A 34 -4.35 42.42 3.63
CA PHE A 34 -5.41 41.81 4.44
C PHE A 34 -6.79 42.10 3.86
N GLY A 35 -7.65 41.09 3.84
CA GLY A 35 -9.00 41.28 3.33
C GLY A 35 -9.22 40.81 1.90
N ARG A 36 -8.13 40.48 1.20
CA ARG A 36 -8.22 40.01 -0.17
C ARG A 36 -9.07 38.75 -0.25
N HIS A 37 -9.75 38.57 -1.38
CA HIS A 37 -10.60 37.40 -1.60
C HIS A 37 -9.99 36.46 -2.63
N TYR A 38 -9.95 35.16 -2.30
CA TYR A 38 -9.39 34.16 -3.20
C TYR A 38 -10.46 33.14 -3.59
N PRO A 39 -10.73 32.96 -4.89
CA PRO A 39 -11.73 32.00 -5.34
C PRO A 39 -11.20 30.56 -5.33
N LEU A 40 -12.05 29.64 -5.75
CA LEU A 40 -11.67 28.23 -5.84
C LEU A 40 -10.88 28.15 -7.15
N TYR A 41 -10.16 27.06 -7.37
CA TYR A 41 -9.44 26.90 -8.63
C TYR A 41 -9.87 25.55 -9.17
N ILE A 42 -10.63 25.58 -10.28
CA ILE A 42 -11.16 24.37 -10.88
C ILE A 42 -10.96 24.39 -12.39
N GLY A 43 -10.41 23.32 -12.93
CA GLY A 43 -10.20 23.24 -14.36
C GLY A 43 -9.43 24.39 -15.00
N GLY A 44 -8.35 24.79 -14.35
CA GLY A 44 -7.51 25.84 -14.90
C GLY A 44 -8.01 27.27 -14.74
N GLU A 45 -9.09 27.47 -13.99
CA GLU A 45 -9.59 28.83 -13.81
C GLU A 45 -10.08 29.10 -12.39
N TRP A 46 -10.00 30.36 -11.98
CA TRP A 46 -10.46 30.73 -10.65
C TRP A 46 -11.99 30.86 -10.72
N VAL A 47 -12.66 30.13 -9.84
CA VAL A 47 -14.13 30.12 -9.78
C VAL A 47 -14.62 30.57 -8.41
N ASP A 48 -15.42 31.63 -8.38
CA ASP A 48 -15.93 32.15 -7.12
C ASP A 48 -17.27 31.51 -6.77
N THR A 49 -17.69 31.70 -5.52
CA THR A 49 -18.96 31.18 -5.05
C THR A 49 -19.70 32.27 -4.28
N LYS A 50 -20.99 32.06 -4.05
CA LYS A 50 -21.79 33.05 -3.32
C LYS A 50 -21.33 33.10 -1.87
N GLU A 51 -21.25 31.94 -1.23
CA GLU A 51 -20.81 31.88 0.17
C GLU A 51 -19.30 32.04 0.25
N ARG A 52 -18.81 32.42 1.42
CA ARG A 52 -17.37 32.61 1.60
C ARG A 52 -16.87 32.12 2.95
N MET A 53 -15.56 31.97 3.05
CA MET A 53 -14.90 31.53 4.28
C MET A 53 -13.99 32.64 4.75
N VAL A 54 -13.87 32.79 6.07
CA VAL A 54 -13.03 33.82 6.64
C VAL A 54 -11.80 33.20 7.31
N SER A 55 -10.64 33.80 7.07
CA SER A 55 -9.40 33.33 7.69
C SER A 55 -8.92 34.43 8.61
N LEU A 56 -8.82 34.11 9.91
CA LEU A 56 -8.41 35.07 10.91
C LEU A 56 -6.94 34.98 11.32
N ASN A 57 -6.44 36.08 11.85
CA ASN A 57 -5.07 36.16 12.33
C ASN A 57 -5.11 35.67 13.77
N PRO A 58 -4.52 34.49 14.05
CA PRO A 58 -4.54 33.97 15.42
C PRO A 58 -3.83 34.84 16.45
N SER A 59 -3.01 35.78 15.99
CA SER A 59 -2.30 36.68 16.90
C SER A 59 -3.17 37.88 17.25
N ALA A 60 -4.20 38.10 16.43
CA ALA A 60 -5.16 39.21 16.61
C ALA A 60 -6.40 38.80 15.83
N PRO A 61 -7.23 37.91 16.43
CA PRO A 61 -8.48 37.35 15.89
C PRO A 61 -9.47 38.31 15.26
N SER A 62 -9.38 39.59 15.59
CA SER A 62 -10.30 40.56 15.01
C SER A 62 -9.89 40.92 13.58
N GLU A 63 -8.66 40.56 13.22
CA GLU A 63 -8.15 40.86 11.89
C GLU A 63 -8.39 39.74 10.90
N VAL A 64 -8.97 40.09 9.76
CA VAL A 64 -9.25 39.12 8.71
C VAL A 64 -8.09 39.12 7.71
N VAL A 65 -7.33 38.04 7.69
CA VAL A 65 -6.20 37.92 6.77
C VAL A 65 -6.73 37.90 5.35
N GLY A 66 -7.85 37.22 5.16
CA GLY A 66 -8.45 37.15 3.84
C GLY A 66 -9.66 36.24 3.86
N THR A 67 -10.36 36.18 2.73
CA THR A 67 -11.53 35.33 2.61
C THR A 67 -11.37 34.52 1.33
N THR A 68 -12.04 33.38 1.28
CA THR A 68 -11.98 32.55 0.08
C THR A 68 -13.37 32.07 -0.25
N ALA A 69 -13.52 31.54 -1.46
CA ALA A 69 -14.79 30.99 -1.88
C ALA A 69 -14.96 29.74 -1.03
N LYS A 70 -16.18 29.18 -1.02
CA LYS A 70 -16.45 27.99 -0.23
C LYS A 70 -17.05 26.94 -1.14
N ALA A 71 -16.34 25.82 -1.29
CA ALA A 71 -16.79 24.73 -2.15
C ALA A 71 -17.82 23.84 -1.47
N GLY A 72 -18.76 23.36 -2.28
CA GLY A 72 -19.80 22.46 -1.79
C GLY A 72 -19.73 21.21 -2.65
N LYS A 73 -20.72 20.34 -2.54
CA LYS A 73 -20.73 19.11 -3.34
C LYS A 73 -20.68 19.40 -4.84
N ALA A 74 -21.41 20.41 -5.30
CA ALA A 74 -21.43 20.76 -6.71
C ALA A 74 -20.05 21.11 -7.23
N GLU A 75 -19.30 21.90 -6.47
CA GLU A 75 -17.96 22.29 -6.88
C GLU A 75 -17.02 21.11 -6.81
N ALA A 76 -17.24 20.22 -5.85
CA ALA A 76 -16.40 19.03 -5.72
C ALA A 76 -16.61 18.13 -6.93
N GLU A 77 -17.86 17.98 -7.35
CA GLU A 77 -18.18 17.16 -8.51
C GLU A 77 -17.57 17.76 -9.77
N ALA A 78 -17.64 19.08 -9.89
CA ALA A 78 -17.07 19.77 -11.05
C ALA A 78 -15.56 19.57 -11.08
N ALA A 79 -14.94 19.63 -9.91
CA ALA A 79 -13.49 19.46 -9.83
C ALA A 79 -13.11 18.03 -10.19
N LEU A 80 -13.92 17.06 -9.74
CA LEU A 80 -13.64 15.66 -10.03
C LEU A 80 -13.74 15.40 -11.53
N GLU A 81 -14.74 15.99 -12.17
CA GLU A 81 -14.92 15.82 -13.61
C GLU A 81 -13.72 16.41 -14.34
N ALA A 82 -13.26 17.59 -13.90
CA ALA A 82 -12.13 18.24 -14.54
C ALA A 82 -10.86 17.43 -14.34
N ALA A 83 -10.69 16.85 -13.16
CA ALA A 83 -9.50 16.08 -12.84
C ALA A 83 -9.40 14.81 -13.68
N TRP A 84 -10.53 14.14 -13.92
CA TRP A 84 -10.50 12.93 -14.73
C TRP A 84 -10.28 13.26 -16.20
N LYS A 85 -10.90 14.36 -16.66
CA LYS A 85 -10.72 14.79 -18.04
C LYS A 85 -9.24 15.09 -18.27
N ALA A 86 -8.62 15.76 -17.30
CA ALA A 86 -7.21 16.13 -17.40
C ALA A 86 -6.32 14.89 -17.33
N PHE A 87 -6.68 13.95 -16.46
CA PHE A 87 -5.89 12.73 -16.30
C PHE A 87 -5.66 12.01 -17.62
N LYS A 88 -6.69 11.97 -18.47
CA LYS A 88 -6.59 11.28 -19.76
C LYS A 88 -5.38 11.68 -20.59
N THR A 89 -5.01 12.95 -20.54
CA THR A 89 -3.86 13.42 -21.31
C THR A 89 -2.61 13.66 -20.44
N TRP A 90 -2.80 14.07 -19.20
CA TRP A 90 -1.67 14.33 -18.30
C TRP A 90 -0.86 13.05 -18.03
N LYS A 91 -1.55 11.92 -17.96
CA LYS A 91 -0.88 10.64 -17.72
C LYS A 91 0.06 10.30 -18.87
N ASP A 92 -0.21 10.84 -20.05
CA ASP A 92 0.59 10.56 -21.25
C ASP A 92 1.77 11.51 -21.49
N TRP A 93 1.89 12.54 -20.66
CA TRP A 93 3.01 13.46 -20.78
C TRP A 93 4.30 12.70 -20.49
N PRO A 94 5.37 12.96 -21.25
CA PRO A 94 6.61 12.24 -20.95
C PRO A 94 6.99 12.66 -19.53
N GLN A 95 7.62 11.78 -18.76
CA GLN A 95 7.98 12.15 -17.40
C GLN A 95 8.90 13.37 -17.38
N GLU A 96 9.79 13.47 -18.35
CA GLU A 96 10.70 14.60 -18.40
C GLU A 96 9.94 15.93 -18.47
N ASP A 97 8.82 15.93 -19.18
CA ASP A 97 7.98 17.12 -19.33
C ASP A 97 7.28 17.47 -18.01
N ARG A 98 6.75 16.45 -17.33
CA ARG A 98 6.08 16.68 -16.07
C ARG A 98 7.08 17.18 -15.03
N SER A 99 8.27 16.58 -15.02
CA SER A 99 9.29 16.98 -14.06
C SER A 99 9.75 18.42 -14.29
N ARG A 100 9.88 18.82 -15.56
CA ARG A 100 10.28 20.19 -15.85
C ARG A 100 9.21 21.16 -15.36
N LEU A 101 7.94 20.75 -15.44
CA LEU A 101 6.86 21.62 -14.97
C LEU A 101 7.01 21.82 -13.46
N LEU A 102 7.33 20.75 -12.74
CA LEU A 102 7.52 20.87 -11.30
C LEU A 102 8.70 21.80 -10.99
N LEU A 103 9.80 21.64 -11.72
CA LEU A 103 10.97 22.49 -11.49
C LEU A 103 10.64 23.96 -11.72
N LYS A 104 9.77 24.25 -12.69
CA LYS A 104 9.37 25.62 -12.94
C LYS A 104 8.58 26.12 -11.73
N ALA A 105 7.67 25.30 -11.23
CA ALA A 105 6.89 25.69 -10.05
C ALA A 105 7.79 25.98 -8.86
N ALA A 106 8.84 25.17 -8.68
CA ALA A 106 9.76 25.38 -7.57
C ALA A 106 10.48 26.72 -7.73
N ALA A 107 10.88 27.04 -8.95
CA ALA A 107 11.58 28.31 -9.19
C ALA A 107 10.66 29.48 -8.87
N LEU A 108 9.39 29.35 -9.23
CA LEU A 108 8.42 30.40 -8.97
C LEU A 108 8.14 30.53 -7.46
N MET A 109 8.09 29.41 -6.76
CA MET A 109 7.84 29.45 -5.32
C MET A 109 9.05 30.08 -4.62
N ARG A 110 10.25 29.74 -5.11
CA ARG A 110 11.47 30.29 -4.51
C ARG A 110 11.49 31.81 -4.63
N ARG A 111 10.99 32.33 -5.74
CA ARG A 111 10.97 33.78 -5.95
C ARG A 111 9.92 34.48 -5.10
N ARG A 112 9.00 33.72 -4.52
CA ARG A 112 7.95 34.29 -3.67
C ARG A 112 8.09 33.83 -2.23
N LYS A 113 9.29 33.35 -1.87
CA LYS A 113 9.54 32.85 -0.52
C LYS A 113 9.11 33.77 0.61
N ARG A 114 9.63 35.00 0.60
CA ARG A 114 9.31 35.95 1.67
C ARG A 114 7.81 36.19 1.80
N GLU A 115 7.12 36.32 0.67
CA GLU A 115 5.67 36.54 0.68
C GLU A 115 4.94 35.36 1.33
N LEU A 116 5.32 34.14 0.95
CA LEU A 116 4.68 32.95 1.51
C LEU A 116 4.99 32.83 3.00
N GLU A 117 6.23 33.14 3.38
CA GLU A 117 6.60 33.07 4.79
C GLU A 117 5.78 34.08 5.59
N ALA A 118 5.66 35.29 5.09
CA ALA A 118 4.90 36.33 5.76
C ALA A 118 3.43 35.93 5.90
N THR A 119 2.90 35.26 4.89
CA THR A 119 1.52 34.83 4.93
C THR A 119 1.34 33.78 6.04
N LEU A 120 2.33 32.92 6.23
CA LEU A 120 2.26 31.91 7.28
C LEU A 120 2.31 32.57 8.66
N VAL A 121 3.15 33.60 8.79
CA VAL A 121 3.27 34.32 10.05
C VAL A 121 1.88 34.85 10.45
N TYR A 122 1.22 35.53 9.52
CA TYR A 122 -0.09 36.10 9.81
C TYR A 122 -1.25 35.13 9.84
N GLU A 123 -1.28 34.15 8.95
CA GLU A 123 -2.41 33.23 8.93
C GLU A 123 -2.40 32.10 9.93
N VAL A 124 -1.23 31.52 10.22
CA VAL A 124 -1.20 30.43 11.18
C VAL A 124 -0.31 30.67 12.41
N GLY A 125 0.17 31.89 12.56
CA GLY A 125 0.96 32.22 13.72
C GLY A 125 2.35 31.63 13.90
N LYS A 126 3.06 31.42 12.79
CA LYS A 126 4.42 30.90 12.87
C LYS A 126 5.39 32.06 13.04
N ASN A 127 6.44 31.88 13.83
CA ASN A 127 7.41 32.96 13.94
C ASN A 127 8.20 32.92 12.63
N TRP A 128 9.16 33.82 12.46
CA TRP A 128 9.90 33.92 11.21
C TRP A 128 10.64 32.67 10.73
N VAL A 129 11.39 32.04 11.63
CA VAL A 129 12.14 30.85 11.24
C VAL A 129 11.24 29.65 10.98
N GLU A 130 10.18 29.49 11.77
CA GLU A 130 9.27 28.38 11.53
C GLU A 130 8.63 28.57 10.15
N ALA A 131 8.30 29.81 9.81
CA ALA A 131 7.69 30.09 8.51
C ALA A 131 8.67 29.80 7.38
N SER A 132 9.93 30.20 7.56
CA SER A 132 10.93 29.97 6.53
C SER A 132 11.18 28.47 6.32
N ALA A 133 11.21 27.71 7.40
CA ALA A 133 11.44 26.27 7.30
C ALA A 133 10.29 25.60 6.53
N ASP A 134 9.07 26.08 6.76
CA ASP A 134 7.87 25.55 6.11
C ASP A 134 7.98 25.75 4.59
N VAL A 135 8.19 26.98 4.16
CA VAL A 135 8.30 27.26 2.73
C VAL A 135 9.51 26.56 2.09
N ALA A 136 10.62 26.49 2.81
CA ALA A 136 11.81 25.82 2.27
C ALA A 136 11.51 24.34 2.04
N GLU A 137 10.76 23.73 2.95
CA GLU A 137 10.42 22.32 2.82
C GLU A 137 9.50 22.09 1.61
N ALA A 138 8.60 23.04 1.35
CA ALA A 138 7.70 22.93 0.21
C ALA A 138 8.53 22.93 -1.08
N ILE A 139 9.49 23.83 -1.16
CA ILE A 139 10.36 23.91 -2.33
C ILE A 139 11.12 22.58 -2.46
N ASP A 140 11.60 22.05 -1.34
CA ASP A 140 12.32 20.78 -1.36
C ASP A 140 11.44 19.64 -1.90
N PHE A 141 10.18 19.59 -1.49
CA PHE A 141 9.29 18.52 -1.98
C PHE A 141 9.19 18.59 -3.51
N ILE A 142 9.04 19.79 -4.04
CA ILE A 142 8.92 19.95 -5.49
C ILE A 142 10.21 19.52 -6.19
N GLU A 143 11.34 20.04 -5.71
CA GLU A 143 12.63 19.70 -6.30
C GLU A 143 12.95 18.22 -6.19
N TYR A 144 12.65 17.63 -5.03
CA TYR A 144 12.93 16.22 -4.80
C TYR A 144 12.04 15.29 -5.63
N TYR A 145 10.72 15.51 -5.57
CA TYR A 145 9.81 14.65 -6.32
C TYR A 145 9.99 14.78 -7.83
N ALA A 146 10.41 15.97 -8.30
CA ALA A 146 10.62 16.15 -9.74
C ALA A 146 11.71 15.18 -10.19
N ARG A 147 12.75 15.07 -9.38
CA ARG A 147 13.87 14.18 -9.69
C ARG A 147 13.52 12.72 -9.44
N ALA A 148 12.88 12.44 -8.31
CA ALA A 148 12.51 11.08 -7.96
C ALA A 148 11.58 10.43 -8.99
N ALA A 149 10.67 11.23 -9.54
CA ALA A 149 9.73 10.72 -10.53
C ALA A 149 10.43 10.11 -11.75
N LEU A 150 11.57 10.68 -12.12
CA LEU A 150 12.30 10.16 -13.27
C LEU A 150 12.82 8.75 -13.06
N ARG A 151 12.96 8.34 -11.81
CA ARG A 151 13.45 7.01 -11.48
C ARG A 151 12.40 5.94 -11.80
N TYR A 152 11.17 6.36 -12.04
CA TYR A 152 10.07 5.44 -12.35
C TYR A 152 9.67 5.48 -13.82
N ARG A 153 10.41 6.22 -14.65
CA ARG A 153 10.05 6.38 -16.06
C ARG A 153 10.04 5.11 -16.92
N TYR A 154 9.18 5.11 -17.92
CA TYR A 154 8.99 4.00 -18.85
C TYR A 154 10.24 3.49 -19.55
N PRO A 155 10.55 2.18 -19.43
CA PRO A 155 9.89 1.13 -18.64
C PRO A 155 10.88 0.85 -17.50
N ALA A 156 10.46 1.14 -16.27
CA ALA A 156 11.35 1.02 -15.12
C ALA A 156 11.52 -0.29 -14.36
N VAL A 157 10.68 -1.27 -14.63
CA VAL A 157 10.76 -2.52 -13.86
C VAL A 157 11.78 -3.55 -14.31
N GLU A 158 12.54 -4.05 -13.34
CA GLU A 158 13.56 -5.06 -13.58
C GLU A 158 12.89 -6.44 -13.62
N VAL A 159 12.92 -7.07 -14.79
CA VAL A 159 12.31 -8.39 -14.94
C VAL A 159 13.27 -9.41 -15.53
N VAL A 160 12.90 -10.67 -15.40
CA VAL A 160 13.69 -11.78 -15.90
C VAL A 160 13.29 -12.03 -17.35
N PRO A 161 14.27 -12.14 -18.26
CA PRO A 161 13.90 -12.37 -19.65
C PRO A 161 13.47 -13.79 -19.97
N TYR A 162 12.82 -13.96 -21.12
CA TYR A 162 12.35 -15.26 -21.56
C TYR A 162 12.62 -15.39 -23.06
N PRO A 163 13.06 -16.56 -23.50
CA PRO A 163 13.36 -16.81 -24.92
C PRO A 163 12.22 -16.51 -25.89
N GLY A 164 12.56 -15.82 -26.98
CA GLY A 164 11.59 -15.50 -28.02
C GLY A 164 10.48 -14.52 -27.66
N GLU A 165 10.66 -13.80 -26.56
CA GLU A 165 9.66 -12.85 -26.09
C GLU A 165 10.25 -11.56 -25.58
N ASP A 166 9.46 -10.51 -25.66
CA ASP A 166 9.83 -9.23 -25.07
C ASP A 166 8.89 -9.15 -23.86
N ASN A 167 9.45 -8.94 -22.68
CA ASN A 167 8.65 -8.81 -21.47
C ASN A 167 8.99 -7.46 -20.87
N GLU A 168 7.99 -6.59 -20.86
CA GLU A 168 8.16 -5.23 -20.40
C GLU A 168 7.18 -4.84 -19.32
N SER A 169 7.70 -4.49 -18.15
CA SER A 169 6.84 -4.06 -17.06
C SER A 169 7.12 -2.58 -16.82
N PHE A 170 6.07 -1.82 -16.57
CA PHE A 170 6.21 -0.39 -16.37
C PHE A 170 5.13 0.16 -15.45
N TYR A 171 5.36 1.35 -14.93
CA TYR A 171 4.42 1.99 -14.04
C TYR A 171 3.51 3.00 -14.74
N VAL A 172 2.29 3.11 -14.22
CA VAL A 172 1.33 4.07 -14.73
C VAL A 172 0.62 4.70 -13.54
N PRO A 173 0.23 5.98 -13.68
CA PRO A 173 -0.46 6.65 -12.57
C PRO A 173 -1.86 6.05 -12.35
N LEU A 174 -2.41 6.30 -11.16
CA LEU A 174 -3.71 5.76 -10.79
C LEU A 174 -4.93 6.49 -11.34
N GLY A 175 -4.92 7.81 -11.26
CA GLY A 175 -6.04 8.58 -11.75
C GLY A 175 -6.21 9.86 -10.95
N ALA A 176 -7.47 10.23 -10.67
CA ALA A 176 -7.77 11.43 -9.91
C ALA A 176 -8.00 11.10 -8.45
N GLY A 177 -7.36 11.85 -7.57
CA GLY A 177 -7.52 11.61 -6.14
C GLY A 177 -7.73 12.89 -5.37
N VAL A 178 -7.96 12.75 -4.07
CA VAL A 178 -8.18 13.90 -3.21
C VAL A 178 -7.09 14.02 -2.15
N VAL A 179 -6.68 15.25 -1.92
CA VAL A 179 -5.66 15.58 -0.93
C VAL A 179 -6.35 16.40 0.16
N ILE A 180 -6.20 15.96 1.41
CA ILE A 180 -6.78 16.65 2.55
C ILE A 180 -5.57 17.05 3.40
N ALA A 181 -5.22 18.33 3.34
CA ALA A 181 -4.05 18.88 4.01
C ALA A 181 -4.27 19.46 5.39
N PRO A 182 -3.18 19.56 6.18
CA PRO A 182 -3.22 20.09 7.55
C PRO A 182 -2.97 21.58 7.60
N TRP A 183 -3.28 22.19 8.74
CA TRP A 183 -3.06 23.62 8.91
C TRP A 183 -1.70 23.96 9.51
N ASN A 184 -1.01 22.96 10.08
CA ASN A 184 0.28 23.26 10.72
C ASN A 184 1.48 23.41 9.77
N PHE A 185 1.40 22.83 8.58
CA PHE A 185 2.43 22.99 7.56
C PHE A 185 1.63 23.16 6.28
N PRO A 186 0.86 24.27 6.19
CA PRO A 186 0.00 24.60 5.06
C PRO A 186 0.64 24.96 3.74
N VAL A 187 1.97 25.06 3.70
CA VAL A 187 2.65 25.30 2.44
C VAL A 187 3.42 24.01 2.15
N ALA A 188 4.27 23.59 3.09
CA ALA A 188 5.07 22.38 2.91
C ALA A 188 4.31 21.09 2.64
N ILE A 189 3.48 20.67 3.58
CA ILE A 189 2.73 19.42 3.40
C ILE A 189 1.63 19.54 2.34
N PHE A 190 1.01 20.71 2.27
CA PHE A 190 -0.02 20.97 1.28
C PHE A 190 0.63 20.72 -0.11
N THR A 191 1.80 21.31 -0.32
CA THR A 191 2.51 21.17 -1.59
C THR A 191 2.99 19.74 -1.85
N GLY A 192 3.64 19.14 -0.85
CA GLY A 192 4.15 17.78 -1.01
C GLY A 192 3.08 16.76 -1.35
N MET A 193 1.98 16.79 -0.63
CA MET A 193 0.90 15.83 -0.87
C MET A 193 0.27 15.96 -2.24
N ILE A 194 0.37 17.16 -2.81
CA ILE A 194 -0.20 17.41 -4.14
C ILE A 194 0.78 17.06 -5.26
N VAL A 195 1.98 17.63 -5.20
CA VAL A 195 2.95 17.43 -6.26
C VAL A 195 3.54 16.03 -6.39
N GLY A 196 3.54 15.26 -5.30
CA GLY A 196 4.07 13.91 -5.40
C GLY A 196 3.22 13.12 -6.38
N PRO A 197 1.91 13.00 -6.11
CA PRO A 197 1.02 12.25 -7.00
C PRO A 197 0.99 12.83 -8.41
N VAL A 198 0.95 14.16 -8.49
CA VAL A 198 0.90 14.84 -9.79
C VAL A 198 2.14 14.63 -10.65
N ALA A 199 3.30 14.58 -10.02
CA ALA A 199 4.56 14.41 -10.73
C ALA A 199 4.58 13.17 -11.63
N VAL A 200 4.02 12.07 -11.13
CA VAL A 200 4.02 10.83 -11.89
C VAL A 200 2.79 10.59 -12.76
N GLY A 201 1.95 11.61 -12.92
CA GLY A 201 0.81 11.44 -13.81
C GLY A 201 -0.60 11.45 -13.26
N ASN A 202 -0.76 11.56 -11.94
CA ASN A 202 -2.09 11.61 -11.35
C ASN A 202 -2.60 13.04 -11.37
N THR A 203 -3.88 13.21 -11.09
CA THR A 203 -4.47 14.55 -11.00
C THR A 203 -5.04 14.63 -9.59
N VAL A 204 -5.12 15.85 -9.07
CA VAL A 204 -5.54 16.05 -7.69
C VAL A 204 -6.55 17.16 -7.42
N ILE A 205 -7.41 16.90 -6.44
CA ILE A 205 -8.39 17.87 -5.95
C ILE A 205 -7.89 18.06 -4.53
N ALA A 206 -7.48 19.27 -4.20
CA ALA A 206 -6.93 19.55 -2.87
C ALA A 206 -7.83 20.38 -1.98
N LYS A 207 -8.04 19.89 -0.75
CA LYS A 207 -8.82 20.61 0.23
C LYS A 207 -7.89 21.11 1.31
N PRO A 208 -7.66 22.43 1.37
CA PRO A 208 -6.78 22.99 2.40
C PRO A 208 -7.48 22.97 3.74
N ALA A 209 -6.71 23.06 4.82
CA ALA A 209 -7.30 23.10 6.15
C ALA A 209 -7.97 24.47 6.27
N GLU A 210 -9.11 24.53 6.96
CA GLU A 210 -9.86 25.77 7.10
C GLU A 210 -9.04 26.97 7.59
N ASP A 211 -8.14 26.73 8.53
CA ASP A 211 -7.31 27.80 9.11
C ASP A 211 -6.18 28.29 8.21
N ALA A 212 -5.98 27.65 7.08
CA ALA A 212 -4.88 28.04 6.19
C ALA A 212 -5.29 28.12 4.72
N VAL A 213 -6.51 28.55 4.46
CA VAL A 213 -7.00 28.65 3.09
C VAL A 213 -6.32 29.72 2.23
N VAL A 214 -5.89 30.82 2.86
CA VAL A 214 -5.26 31.89 2.08
C VAL A 214 -3.90 31.48 1.54
N VAL A 215 -3.05 30.91 2.38
CA VAL A 215 -1.74 30.51 1.90
C VAL A 215 -1.87 29.37 0.87
N GLY A 216 -2.92 28.57 1.01
CA GLY A 216 -3.14 27.50 0.05
C GLY A 216 -3.49 28.09 -1.31
N ALA A 217 -4.26 29.18 -1.30
CA ALA A 217 -4.62 29.84 -2.55
C ALA A 217 -3.37 30.44 -3.20
N LYS A 218 -2.45 30.95 -2.39
CA LYS A 218 -1.23 31.52 -2.94
C LYS A 218 -0.38 30.44 -3.59
N VAL A 219 -0.41 29.23 -3.02
CA VAL A 219 0.35 28.14 -3.62
C VAL A 219 -0.28 27.83 -4.98
N PHE A 220 -1.61 27.88 -5.06
CA PHE A 220 -2.25 27.62 -6.34
C PHE A 220 -1.97 28.71 -7.37
N GLU A 221 -1.70 29.93 -6.90
CA GLU A 221 -1.37 31.00 -7.83
C GLU A 221 -0.08 30.57 -8.51
N ILE A 222 0.81 29.96 -7.74
CA ILE A 222 2.08 29.49 -8.29
C ILE A 222 1.85 28.35 -9.28
N PHE A 223 0.98 27.40 -8.93
CA PHE A 223 0.69 26.28 -9.83
C PHE A 223 0.13 26.81 -11.15
N HIS A 224 -0.77 27.80 -11.06
CA HIS A 224 -1.38 28.38 -12.24
C HIS A 224 -0.34 29.05 -13.12
N GLU A 225 0.52 29.86 -12.50
CA GLU A 225 1.55 30.56 -13.26
C GLU A 225 2.55 29.60 -13.91
N ALA A 226 2.84 28.50 -13.21
CA ALA A 226 3.77 27.50 -13.73
C ALA A 226 3.23 26.87 -15.01
N GLY A 227 1.91 26.78 -15.11
CA GLY A 227 1.31 26.23 -16.32
C GLY A 227 0.76 24.82 -16.28
N PHE A 228 0.39 24.31 -15.10
CA PHE A 228 -0.18 22.97 -15.05
C PHE A 228 -1.45 23.00 -15.90
N PRO A 229 -1.63 21.99 -16.76
CA PRO A 229 -2.83 21.95 -17.61
C PRO A 229 -4.12 21.98 -16.81
N PRO A 230 -5.20 22.54 -17.40
CA PRO A 230 -6.48 22.61 -16.70
C PRO A 230 -6.91 21.26 -16.13
N GLY A 231 -7.33 21.25 -14.88
CA GLY A 231 -7.79 20.04 -14.23
C GLY A 231 -6.76 19.19 -13.51
N VAL A 232 -5.47 19.40 -13.78
CA VAL A 232 -4.43 18.62 -13.13
C VAL A 232 -4.38 18.86 -11.62
N VAL A 233 -4.51 20.12 -11.20
CA VAL A 233 -4.56 20.45 -9.78
C VAL A 233 -5.76 21.36 -9.56
N ASN A 234 -6.55 21.08 -8.53
CA ASN A 234 -7.75 21.84 -8.21
C ASN A 234 -7.75 22.20 -6.73
N PHE A 235 -8.23 23.40 -6.43
CA PHE A 235 -8.25 23.97 -5.08
C PHE A 235 -9.68 24.15 -4.56
N LEU A 236 -10.03 23.41 -3.53
CA LEU A 236 -11.39 23.46 -2.96
C LEU A 236 -11.51 23.76 -1.47
N PRO A 237 -11.27 25.01 -1.07
CA PRO A 237 -11.41 25.30 0.36
C PRO A 237 -12.87 25.10 0.74
N GLY A 238 -13.12 24.66 1.97
CA GLY A 238 -14.48 24.44 2.41
C GLY A 238 -14.60 24.41 3.92
N VAL A 239 -15.83 24.48 4.42
CA VAL A 239 -16.08 24.46 5.86
C VAL A 239 -16.73 23.15 6.27
N GLY A 240 -16.23 22.56 7.35
CA GLY A 240 -16.80 21.31 7.82
C GLY A 240 -16.39 20.09 7.01
N GLU A 241 -17.10 19.00 7.23
CA GLU A 241 -16.80 17.72 6.57
C GLU A 241 -17.43 17.53 5.19
N GLU A 242 -18.33 18.41 4.80
CA GLU A 242 -19.01 18.25 3.51
C GLU A 242 -18.14 17.83 2.33
N VAL A 243 -17.24 18.72 1.90
CA VAL A 243 -16.37 18.42 0.77
C VAL A 243 -15.51 17.18 0.94
N GLY A 244 -14.82 17.08 2.06
CA GLY A 244 -13.97 15.94 2.32
C GLY A 244 -14.72 14.62 2.33
N ALA A 245 -15.85 14.58 3.01
CA ALA A 245 -16.65 13.37 3.09
C ALA A 245 -17.14 12.95 1.70
N TYR A 246 -17.66 13.91 0.95
CA TYR A 246 -18.19 13.65 -0.38
C TYR A 246 -17.13 13.01 -1.29
N LEU A 247 -15.92 13.54 -1.25
CA LEU A 247 -14.86 13.00 -2.08
C LEU A 247 -14.29 11.68 -1.57
N VAL A 248 -14.05 11.59 -0.28
CA VAL A 248 -13.52 10.34 0.29
C VAL A 248 -14.41 9.14 0.01
N GLU A 249 -15.73 9.34 0.08
CA GLU A 249 -16.67 8.25 -0.15
C GLU A 249 -17.15 8.11 -1.59
N HIS A 250 -16.68 8.99 -2.46
CA HIS A 250 -17.07 8.98 -3.86
C HIS A 250 -16.60 7.74 -4.62
N PRO A 251 -17.47 7.14 -5.44
CA PRO A 251 -17.07 5.95 -6.20
C PRO A 251 -16.00 6.24 -7.25
N ARG A 252 -15.87 7.50 -7.66
CA ARG A 252 -14.89 7.87 -8.67
C ARG A 252 -13.61 8.52 -8.16
N ILE A 253 -13.39 8.49 -6.84
CA ILE A 253 -12.15 9.01 -6.28
C ILE A 253 -11.22 7.78 -6.21
N ARG A 254 -10.04 7.90 -6.83
CA ARG A 254 -9.12 6.77 -6.91
C ARG A 254 -8.23 6.57 -5.69
N PHE A 255 -7.80 7.66 -5.08
CA PHE A 255 -6.93 7.60 -3.91
C PHE A 255 -7.16 8.81 -3.03
N ILE A 256 -6.75 8.67 -1.77
CA ILE A 256 -6.89 9.73 -0.79
C ILE A 256 -5.56 9.91 -0.09
N ASN A 257 -5.06 11.14 -0.05
CA ASN A 257 -3.80 11.44 0.62
C ASN A 257 -4.21 12.38 1.75
N PHE A 258 -4.00 11.93 2.98
CA PHE A 258 -4.41 12.70 4.15
C PHE A 258 -3.35 12.84 5.23
N THR A 259 -3.30 14.04 5.81
CA THR A 259 -2.40 14.32 6.92
C THR A 259 -3.25 15.14 7.89
N GLY A 260 -3.41 14.64 9.11
CA GLY A 260 -4.21 15.34 10.10
C GLY A 260 -4.38 14.53 11.37
N SER A 261 -5.50 14.75 12.06
CA SER A 261 -5.78 14.07 13.32
C SER A 261 -6.08 12.58 13.14
N LEU A 262 -5.81 11.81 14.18
CA LEU A 262 -6.06 10.37 14.15
C LEU A 262 -7.56 10.12 14.01
N GLU A 263 -8.38 10.92 14.69
CA GLU A 263 -9.82 10.76 14.63
C GLU A 263 -10.33 10.77 13.19
N VAL A 264 -9.89 11.76 12.42
CA VAL A 264 -10.30 11.87 11.03
C VAL A 264 -9.64 10.79 10.17
N GLY A 265 -8.36 10.53 10.44
CA GLY A 265 -7.65 9.52 9.67
C GLY A 265 -8.28 8.15 9.78
N LEU A 266 -8.78 7.80 10.97
CA LEU A 266 -9.42 6.51 11.16
C LEU A 266 -10.69 6.40 10.31
N LYS A 267 -11.47 7.49 10.27
CA LYS A 267 -12.69 7.49 9.48
C LYS A 267 -12.40 7.40 7.99
N ILE A 268 -11.34 8.08 7.56
CA ILE A 268 -10.96 8.05 6.15
C ILE A 268 -10.51 6.65 5.73
N TYR A 269 -9.69 6.02 6.56
CA TYR A 269 -9.20 4.68 6.24
C TYR A 269 -10.35 3.69 6.18
N GLU A 270 -11.31 3.83 7.08
CA GLU A 270 -12.46 2.93 7.10
C GLU A 270 -13.31 3.13 5.84
N ALA A 271 -13.59 4.39 5.52
CA ALA A 271 -14.38 4.70 4.34
C ALA A 271 -13.69 4.22 3.05
N ALA A 272 -12.38 4.37 3.00
CA ALA A 272 -11.62 3.95 1.82
C ALA A 272 -11.69 2.44 1.60
N GLY A 273 -11.94 1.69 2.66
CA GLY A 273 -12.02 0.25 2.54
C GLY A 273 -13.35 -0.25 2.01
N ARG A 274 -14.32 0.65 1.87
CA ARG A 274 -15.64 0.30 1.39
C ARG A 274 -15.80 0.52 -0.11
N LEU A 275 -16.61 -0.32 -0.74
CA LEU A 275 -16.87 -0.19 -2.16
C LEU A 275 -18.15 0.64 -2.30
N ALA A 276 -18.01 1.91 -2.70
CA ALA A 276 -19.16 2.77 -2.89
C ALA A 276 -19.95 2.23 -4.08
N PRO A 277 -21.27 2.52 -4.13
CA PRO A 277 -22.07 2.03 -5.27
C PRO A 277 -21.48 2.44 -6.62
N GLY A 278 -21.21 1.45 -7.47
CA GLY A 278 -20.67 1.72 -8.79
C GLY A 278 -19.15 1.83 -8.86
N GLN A 279 -18.49 1.77 -7.71
CA GLN A 279 -17.04 1.88 -7.64
C GLN A 279 -16.40 0.67 -8.34
N THR A 280 -15.35 0.91 -9.13
CA THR A 280 -14.70 -0.17 -9.87
C THR A 280 -13.22 -0.39 -9.54
N TRP A 281 -12.84 -0.13 -8.30
CA TRP A 281 -11.47 -0.33 -7.85
C TRP A 281 -11.38 -0.33 -6.35
N PHE A 282 -10.23 -0.77 -5.83
CA PHE A 282 -9.98 -0.76 -4.39
C PHE A 282 -9.23 0.55 -4.15
N LYS A 283 -9.83 1.45 -3.39
CA LYS A 283 -9.22 2.73 -3.12
C LYS A 283 -7.95 2.61 -2.30
N ARG A 284 -6.99 3.51 -2.57
CA ARG A 284 -5.76 3.57 -1.81
C ARG A 284 -5.91 4.80 -0.93
N ALA A 285 -5.57 4.66 0.35
CA ALA A 285 -5.65 5.76 1.29
C ALA A 285 -4.34 5.82 2.07
N TYR A 286 -3.69 6.98 2.01
CA TYR A 286 -2.44 7.18 2.71
C TYR A 286 -2.74 8.20 3.80
N VAL A 287 -2.42 7.86 5.04
CA VAL A 287 -2.70 8.76 6.13
C VAL A 287 -1.55 8.92 7.11
N GLU A 288 -1.31 10.17 7.51
CA GLU A 288 -0.29 10.50 8.51
C GLU A 288 -1.17 11.10 9.60
N THR A 289 -1.17 10.45 10.76
CA THR A 289 -2.06 10.81 11.85
C THR A 289 -1.55 11.26 13.22
N GLY A 290 -0.39 11.90 13.26
CA GLY A 290 0.12 12.40 14.53
C GLY A 290 0.94 11.45 15.36
N GLY A 291 1.28 11.90 16.57
CA GLY A 291 2.07 11.09 17.47
C GLY A 291 2.11 11.62 18.90
N LYS A 292 2.77 10.87 19.77
CA LYS A 292 2.97 11.26 21.17
C LYS A 292 4.45 10.98 21.33
N ASP A 293 5.24 11.88 20.75
CA ASP A 293 6.69 11.74 20.70
C ASP A 293 7.49 12.05 21.95
N ALA A 294 8.42 11.15 22.26
CA ALA A 294 9.27 11.29 23.43
C ALA A 294 10.75 11.45 23.12
N ILE A 295 11.43 12.14 24.03
CA ILE A 295 12.86 12.29 23.97
C ILE A 295 13.32 11.65 25.28
N ILE A 296 14.24 10.70 25.17
CA ILE A 296 14.80 10.02 26.33
C ILE A 296 16.15 10.64 26.61
N VAL A 297 16.48 10.86 27.88
CA VAL A 297 17.78 11.39 28.23
C VAL A 297 18.32 10.52 29.36
N ASP A 298 19.54 9.99 29.22
CA ASP A 298 20.10 9.19 30.31
C ASP A 298 21.21 9.97 31.00
N GLU A 299 21.77 9.41 32.06
CA GLU A 299 22.79 10.11 32.82
C GLU A 299 24.14 10.37 32.15
N THR A 300 24.35 9.80 30.97
CA THR A 300 25.61 9.99 30.25
C THR A 300 25.55 11.13 29.25
N ALA A 301 24.36 11.68 29.04
CA ALA A 301 24.17 12.77 28.08
C ALA A 301 24.76 14.12 28.43
N ASP A 302 24.87 14.96 27.41
CA ASP A 302 25.32 16.33 27.58
C ASP A 302 23.98 16.99 27.95
N PHE A 303 23.79 17.23 29.24
CA PHE A 303 22.53 17.80 29.74
C PHE A 303 22.15 19.16 29.16
N ASP A 304 23.12 20.02 28.89
CA ASP A 304 22.80 21.32 28.33
C ASP A 304 22.34 21.16 26.89
N LEU A 305 23.01 20.28 26.15
CA LEU A 305 22.64 20.02 24.76
C LEU A 305 21.24 19.44 24.73
N ALA A 306 20.98 18.49 25.63
CA ALA A 306 19.68 17.85 25.72
C ALA A 306 18.56 18.84 26.03
N ALA A 307 18.79 19.70 27.03
CA ALA A 307 17.78 20.68 27.41
C ALA A 307 17.40 21.60 26.25
N GLU A 308 18.40 22.03 25.49
CA GLU A 308 18.16 22.90 24.35
C GLU A 308 17.33 22.18 23.29
N GLY A 309 17.72 20.95 22.97
CA GLY A 309 17.01 20.16 21.97
C GLY A 309 15.59 19.85 22.39
N VAL A 310 15.39 19.63 23.68
CA VAL A 310 14.07 19.35 24.22
C VAL A 310 13.17 20.57 24.08
N VAL A 311 13.69 21.74 24.44
CA VAL A 311 12.90 22.96 24.34
C VAL A 311 12.53 23.30 22.90
N VAL A 312 13.46 23.13 21.97
CA VAL A 312 13.19 23.38 20.56
C VAL A 312 12.12 22.39 20.07
N SER A 313 12.31 21.12 20.41
CA SER A 313 11.38 20.08 19.98
C SER A 313 9.98 20.18 20.58
N ALA A 314 9.90 20.63 21.82
CA ALA A 314 8.61 20.74 22.50
C ALA A 314 7.83 22.01 22.22
N TYR A 315 8.53 23.12 22.05
CA TYR A 315 7.83 24.38 21.86
C TYR A 315 7.90 25.06 20.50
N GLY A 316 8.68 24.48 19.57
CA GLY A 316 8.75 25.04 18.24
C GLY A 316 7.34 25.05 17.68
N PHE A 317 6.93 26.17 17.08
CA PHE A 317 5.57 26.36 16.57
C PHE A 317 4.54 25.97 17.61
N GLN A 318 4.81 26.37 18.85
CA GLN A 318 3.91 26.14 19.95
C GLN A 318 3.53 24.67 20.17
N GLY A 319 4.42 23.77 19.79
CA GLY A 319 4.17 22.34 19.96
C GLY A 319 3.11 21.78 19.03
N GLN A 320 2.73 22.55 18.02
CA GLN A 320 1.71 22.12 17.07
C GLN A 320 2.31 21.36 15.89
N LYS A 321 3.03 20.29 16.21
CA LYS A 321 3.66 19.45 15.20
C LYS A 321 3.43 17.99 15.57
N CYS A 322 3.23 17.15 14.56
CA CYS A 322 3.03 15.73 14.82
C CYS A 322 4.36 15.13 15.29
N SER A 323 5.44 15.88 15.09
CA SER A 323 6.79 15.47 15.47
C SER A 323 7.26 16.07 16.81
N ALA A 324 6.46 16.97 17.38
CA ALA A 324 6.83 17.64 18.62
C ALA A 324 7.09 16.72 19.82
N ALA A 325 8.10 17.09 20.61
CA ALA A 325 8.38 16.33 21.80
C ALA A 325 7.33 16.71 22.84
N SER A 326 6.43 15.79 23.14
CA SER A 326 5.39 16.04 24.14
C SER A 326 5.68 15.21 25.39
N ARG A 327 6.68 14.34 25.31
CA ARG A 327 7.08 13.53 26.45
C ARG A 327 8.59 13.61 26.64
N LEU A 328 9.02 13.78 27.88
CA LEU A 328 10.46 13.82 28.19
C LEU A 328 10.66 12.71 29.20
N ILE A 329 11.35 11.65 28.78
CA ILE A 329 11.60 10.49 29.63
C ILE A 329 13.01 10.57 30.18
N LEU A 330 13.12 10.76 31.48
CA LEU A 330 14.42 10.90 32.13
C LEU A 330 14.76 9.75 33.08
N THR A 331 15.93 9.15 32.88
CA THR A 331 16.36 8.08 33.78
C THR A 331 16.64 8.76 35.12
N GLN A 332 16.69 7.99 36.19
CA GLN A 332 16.90 8.55 37.51
C GLN A 332 18.07 9.52 37.62
N GLY A 333 19.21 9.15 37.07
CA GLY A 333 20.39 10.01 37.14
C GLY A 333 20.30 11.30 36.34
N ALA A 334 19.44 11.32 35.32
CA ALA A 334 19.30 12.50 34.49
C ALA A 334 18.13 13.40 34.89
N TYR A 335 17.23 12.88 35.72
CA TYR A 335 16.04 13.62 36.12
C TYR A 335 16.23 15.06 36.62
N GLU A 336 16.88 15.22 37.77
CA GLU A 336 17.07 16.56 38.32
C GLU A 336 17.91 17.47 37.42
N PRO A 337 19.09 17.00 36.99
CA PRO A 337 19.91 17.84 36.12
C PRO A 337 19.22 18.34 34.85
N VAL A 338 18.55 17.44 34.14
CA VAL A 338 17.88 17.83 32.90
C VAL A 338 16.61 18.65 33.12
N LEU A 339 15.78 18.25 34.08
CA LEU A 339 14.54 18.99 34.33
C LEU A 339 14.83 20.42 34.74
N GLU A 340 15.82 20.62 35.61
CA GLU A 340 16.14 21.97 36.07
C GLU A 340 16.59 22.83 34.89
N ARG A 341 17.37 22.24 33.98
CA ARG A 341 17.84 22.96 32.81
C ARG A 341 16.71 23.26 31.83
N VAL A 342 15.81 22.31 31.65
CA VAL A 342 14.68 22.51 30.75
C VAL A 342 13.77 23.63 31.27
N LEU A 343 13.55 23.65 32.58
CA LEU A 343 12.69 24.68 33.17
C LEU A 343 13.30 26.06 33.03
N LYS A 344 14.61 26.16 33.28
CA LYS A 344 15.31 27.44 33.18
C LYS A 344 15.25 27.99 31.76
N ARG A 345 15.40 27.10 30.77
CA ARG A 345 15.36 27.53 29.38
C ARG A 345 13.95 27.89 28.96
N ALA A 346 12.99 27.05 29.32
CA ALA A 346 11.59 27.27 28.94
C ALA A 346 10.99 28.53 29.54
N GLU A 347 11.38 28.88 30.76
CA GLU A 347 10.82 30.07 31.39
C GLU A 347 11.31 31.37 30.75
N ARG A 348 12.33 31.28 29.89
CA ARG A 348 12.86 32.46 29.21
C ARG A 348 12.28 32.67 27.83
N LEU A 349 11.45 31.74 27.37
CA LEU A 349 10.84 31.83 26.05
C LEU A 349 9.84 32.98 25.97
N SER A 350 9.92 33.75 24.89
CA SER A 350 8.99 34.86 24.69
C SER A 350 7.75 34.37 23.97
N VAL A 351 6.61 34.98 24.29
CA VAL A 351 5.34 34.62 23.68
C VAL A 351 4.63 35.90 23.27
N GLY A 352 4.23 35.98 22.00
CA GLY A 352 3.55 37.16 21.52
C GLY A 352 3.14 37.07 20.07
N PRO A 353 2.65 38.18 19.49
CA PRO A 353 2.24 38.19 18.09
C PRO A 353 3.35 37.65 17.20
N ALA A 354 3.00 36.71 16.32
CA ALA A 354 3.96 36.08 15.44
C ALA A 354 4.81 37.07 14.63
N GLU A 355 4.21 38.19 14.22
CA GLU A 355 4.96 39.17 13.44
C GLU A 355 6.17 39.73 14.18
N GLU A 356 6.14 39.68 15.51
CA GLU A 356 7.24 40.17 16.34
C GLU A 356 8.39 39.16 16.43
N ASN A 357 8.22 38.03 15.77
CA ASN A 357 9.19 36.94 15.77
C ASN A 357 9.56 36.48 17.19
N PRO A 358 8.54 36.14 17.99
CA PRO A 358 8.75 35.66 19.36
C PRO A 358 9.17 34.20 19.30
N ASP A 359 9.54 33.62 20.44
CA ASP A 359 9.91 32.21 20.45
C ASP A 359 8.63 31.40 20.16
N LEU A 360 7.52 31.88 20.70
CA LEU A 360 6.22 31.25 20.48
C LEU A 360 5.16 32.25 20.08
N GLY A 361 4.42 31.91 19.03
CA GLY A 361 3.32 32.75 18.61
C GLY A 361 2.10 32.17 19.32
N PRO A 362 0.89 32.40 18.82
CA PRO A 362 -0.34 31.88 19.43
C PRO A 362 -0.66 30.50 18.86
N VAL A 363 -1.58 29.77 19.49
CA VAL A 363 -1.97 28.49 18.91
C VAL A 363 -2.87 28.94 17.76
N VAL A 364 -3.19 28.03 16.84
CA VAL A 364 -3.91 28.40 15.63
C VAL A 364 -5.35 28.91 15.66
N SER A 365 -6.14 28.52 16.66
CA SER A 365 -7.53 28.95 16.71
C SER A 365 -8.12 28.90 18.10
N ALA A 366 -9.34 29.43 18.23
CA ALA A 366 -10.02 29.43 19.51
C ALA A 366 -10.32 28.00 19.96
N GLU A 367 -10.70 27.17 19.01
CA GLU A 367 -11.01 25.78 19.32
C GLU A 367 -9.76 25.05 19.78
N GLN A 368 -8.63 25.30 19.12
CA GLN A 368 -7.39 24.66 19.52
C GLN A 368 -6.99 25.14 20.91
N GLU A 369 -7.19 26.44 21.18
CA GLU A 369 -6.85 26.97 22.48
C GLU A 369 -7.70 26.30 23.57
N ARG A 370 -8.99 26.13 23.29
CA ARG A 370 -9.89 25.50 24.25
C ARG A 370 -9.45 24.08 24.56
N LYS A 371 -9.07 23.34 23.52
CA LYS A 371 -8.63 21.96 23.68
C LYS A 371 -7.34 21.85 24.49
N VAL A 372 -6.37 22.70 24.19
CA VAL A 372 -5.11 22.68 24.90
C VAL A 372 -5.33 23.04 26.39
N LEU A 373 -6.13 24.06 26.65
CA LEU A 373 -6.40 24.45 28.02
C LEU A 373 -7.16 23.35 28.76
N SER A 374 -8.00 22.61 28.03
CA SER A 374 -8.76 21.53 28.63
C SER A 374 -7.78 20.41 29.06
N TYR A 375 -6.80 20.13 28.22
CA TYR A 375 -5.81 19.10 28.55
C TYR A 375 -4.96 19.54 29.73
N ILE A 376 -4.75 20.84 29.87
CA ILE A 376 -3.97 21.34 30.99
C ILE A 376 -4.74 21.10 32.29
N GLU A 377 -6.06 21.27 32.25
CA GLU A 377 -6.88 21.02 33.44
C GLU A 377 -6.85 19.55 33.80
N ILE A 378 -6.88 18.69 32.78
CA ILE A 378 -6.83 17.26 33.00
C ILE A 378 -5.47 16.91 33.61
N GLY A 379 -4.42 17.50 33.04
CA GLY A 379 -3.07 17.23 33.54
C GLY A 379 -2.84 17.62 34.99
N LYS A 380 -3.54 18.66 35.46
CA LYS A 380 -3.38 19.10 36.83
C LYS A 380 -3.76 18.03 37.85
N ASN A 381 -4.60 17.09 37.43
CA ASN A 381 -5.05 16.01 38.30
C ASN A 381 -4.34 14.69 37.99
N GLU A 382 -3.38 14.72 37.08
CA GLU A 382 -2.64 13.53 36.70
C GLU A 382 -1.16 13.66 37.08
N GLY A 383 -0.59 14.82 36.81
CA GLY A 383 0.81 15.05 37.13
C GLY A 383 0.98 16.31 37.94
N GLN A 384 2.22 16.76 38.10
CA GLN A 384 2.51 17.97 38.86
C GLN A 384 2.88 19.12 37.94
N LEU A 385 2.07 20.17 37.93
CA LEU A 385 2.35 21.32 37.09
C LEU A 385 3.53 22.09 37.69
N VAL A 386 4.58 22.28 36.92
CA VAL A 386 5.76 22.99 37.41
C VAL A 386 6.13 24.24 36.60
N LEU A 387 5.41 24.50 35.51
CA LEU A 387 5.67 25.67 34.69
C LEU A 387 4.48 25.98 33.77
N GLY A 388 4.13 27.27 33.67
CA GLY A 388 3.03 27.70 32.82
C GLY A 388 1.67 27.16 33.19
N GLY A 389 0.96 26.61 32.21
CA GLY A 389 -0.35 26.05 32.44
C GLY A 389 -1.51 27.02 32.36
N LYS A 390 -1.32 28.14 31.67
CA LYS A 390 -2.40 29.12 31.56
C LYS A 390 -2.32 29.95 30.30
N ARG A 391 -3.46 30.55 29.96
CA ARG A 391 -3.57 31.42 28.80
C ARG A 391 -2.95 32.74 29.23
N LEU A 392 -2.31 33.43 28.29
CA LEU A 392 -1.70 34.71 28.60
C LEU A 392 -2.68 35.82 28.23
N GLU A 393 -2.39 37.03 28.66
CA GLU A 393 -3.25 38.17 28.37
C GLU A 393 -3.17 38.53 26.89
N GLY A 394 -4.28 39.01 26.34
CA GLY A 394 -4.30 39.38 24.93
C GLY A 394 -5.41 38.72 24.15
N GLU A 395 -5.78 39.33 23.02
CA GLU A 395 -6.83 38.80 22.16
C GLU A 395 -6.36 37.54 21.45
N GLY A 396 -5.07 37.50 21.12
CA GLY A 396 -4.51 36.34 20.44
C GLY A 396 -4.60 35.10 21.30
N TYR A 397 -4.51 33.93 20.67
CA TYR A 397 -4.61 32.65 21.39
C TYR A 397 -3.26 32.25 21.98
N PHE A 398 -2.77 33.05 22.92
CA PHE A 398 -1.48 32.82 23.53
C PHE A 398 -1.52 31.92 24.76
N ILE A 399 -0.74 30.84 24.71
CA ILE A 399 -0.66 29.90 25.82
C ILE A 399 0.81 29.82 26.23
N ALA A 400 1.07 29.84 27.53
CA ALA A 400 2.44 29.79 28.02
C ALA A 400 3.05 28.40 27.95
N PRO A 401 4.36 28.31 27.71
CA PRO A 401 5.07 27.02 27.65
C PRO A 401 4.72 26.31 28.95
N THR A 402 4.23 25.08 28.84
CA THR A 402 3.79 24.34 30.02
C THR A 402 4.55 23.04 30.25
N VAL A 403 4.80 22.75 31.52
CA VAL A 403 5.51 21.54 31.90
C VAL A 403 4.86 20.84 33.10
N PHE A 404 4.61 19.54 32.96
CA PHE A 404 4.07 18.72 34.03
C PHE A 404 5.16 17.69 34.30
N THR A 405 5.39 17.35 35.57
CA THR A 405 6.40 16.36 35.88
C THR A 405 5.83 15.23 36.75
N GLU A 406 6.62 14.19 36.97
CA GLU A 406 6.20 13.02 37.74
C GLU A 406 4.89 12.49 37.13
N VAL A 407 4.81 12.57 35.81
CA VAL A 407 3.61 12.13 35.09
C VAL A 407 3.58 10.62 34.92
N PRO A 408 2.45 9.98 35.30
CA PRO A 408 2.34 8.52 35.14
C PRO A 408 2.36 8.20 33.64
N PRO A 409 3.09 7.16 33.23
CA PRO A 409 3.16 6.79 31.81
C PRO A 409 1.81 6.59 31.13
N LYS A 410 0.82 6.12 31.88
CA LYS A 410 -0.50 5.87 31.31
C LYS A 410 -1.50 7.01 31.48
N ALA A 411 -1.04 8.15 32.00
CA ALA A 411 -1.90 9.31 32.19
C ALA A 411 -2.38 9.80 30.83
N ARG A 412 -3.54 10.42 30.78
CA ARG A 412 -4.05 10.93 29.52
C ARG A 412 -3.07 11.91 28.87
N ILE A 413 -2.45 12.78 29.66
CA ILE A 413 -1.50 13.73 29.07
C ILE A 413 -0.21 13.07 28.61
N ALA A 414 -0.02 11.80 28.96
CA ALA A 414 1.17 11.07 28.53
C ALA A 414 0.83 10.09 27.41
N GLN A 415 -0.43 10.09 26.99
CA GLN A 415 -0.89 9.17 25.94
C GLN A 415 -1.60 9.83 24.76
N GLU A 416 -2.33 10.90 25.03
CA GLU A 416 -3.09 11.59 24.01
C GLU A 416 -2.36 12.80 23.44
N GLU A 417 -2.51 13.00 22.13
CA GLU A 417 -1.86 14.10 21.44
C GLU A 417 -2.57 15.42 21.74
N ILE A 418 -1.88 16.30 22.45
CA ILE A 418 -2.42 17.60 22.85
C ILE A 418 -2.23 18.65 21.76
N PHE A 419 -1.11 18.57 21.05
CA PHE A 419 -0.81 19.48 19.96
C PHE A 419 -0.75 20.94 20.44
N GLY A 420 -0.12 21.14 21.58
CA GLY A 420 0.03 22.46 22.16
C GLY A 420 1.36 22.54 22.87
N PRO A 421 1.70 23.68 23.48
CA PRO A 421 2.99 23.80 24.18
C PRO A 421 2.93 23.16 25.57
N VAL A 422 2.72 21.85 25.62
CA VAL A 422 2.59 21.12 26.87
C VAL A 422 3.52 19.90 26.90
N LEU A 423 4.51 19.94 27.78
CA LEU A 423 5.47 18.85 27.90
C LEU A 423 5.23 18.03 29.16
N SER A 424 5.18 16.71 28.99
CA SER A 424 4.97 15.80 30.12
C SER A 424 6.29 15.10 30.44
N VAL A 425 6.78 15.27 31.66
CA VAL A 425 8.04 14.66 32.08
C VAL A 425 7.78 13.40 32.89
N ILE A 426 8.40 12.31 32.47
CA ILE A 426 8.24 11.00 33.10
C ILE A 426 9.59 10.52 33.64
N ARG A 427 9.62 10.15 34.92
CA ARG A 427 10.85 9.69 35.55
C ARG A 427 10.89 8.17 35.58
N VAL A 428 11.97 7.60 35.05
CA VAL A 428 12.11 6.14 35.02
C VAL A 428 13.43 5.71 35.67
N LYS A 429 13.53 4.43 36.00
CA LYS A 429 14.71 3.90 36.67
C LYS A 429 15.97 3.79 35.83
N ASP A 430 15.83 3.23 34.63
CA ASP A 430 16.97 3.04 33.75
C ASP A 430 16.60 3.16 32.28
N PHE A 431 17.58 2.90 31.41
CA PHE A 431 17.35 3.00 29.98
C PHE A 431 16.34 1.98 29.46
N ALA A 432 16.37 0.76 29.99
CA ALA A 432 15.43 -0.26 29.57
C ALA A 432 14.00 0.21 29.83
N GLU A 433 13.78 0.75 31.03
CA GLU A 433 12.47 1.25 31.39
C GLU A 433 12.10 2.45 30.52
N ALA A 434 13.09 3.26 30.18
CA ALA A 434 12.87 4.43 29.34
C ALA A 434 12.31 3.99 27.97
N LEU A 435 12.91 2.95 27.39
CA LEU A 435 12.45 2.46 26.10
C LEU A 435 11.05 1.86 26.22
N GLU A 436 10.79 1.17 27.32
CA GLU A 436 9.48 0.57 27.55
C GLU A 436 8.42 1.65 27.57
N VAL A 437 8.68 2.71 28.32
CA VAL A 437 7.73 3.81 28.41
C VAL A 437 7.61 4.52 27.07
N ALA A 438 8.74 4.69 26.39
CA ALA A 438 8.73 5.37 25.09
C ALA A 438 7.85 4.63 24.09
N ASN A 439 7.95 3.30 24.07
CA ASN A 439 7.16 2.49 23.14
C ASN A 439 5.71 2.29 23.54
N ASP A 440 5.39 2.49 24.81
CA ASP A 440 4.03 2.27 25.26
C ASP A 440 3.02 3.39 25.07
N THR A 441 2.70 3.63 23.81
CA THR A 441 1.66 4.60 23.41
C THR A 441 1.12 4.01 22.11
N PRO A 442 -0.03 4.51 21.64
CA PRO A 442 -0.61 3.98 20.41
C PRO A 442 0.11 4.49 19.15
N TYR A 443 1.02 5.43 19.34
CA TYR A 443 1.73 6.06 18.23
C TYR A 443 3.16 5.57 17.96
N GLY A 444 3.79 6.15 16.95
CA GLY A 444 5.15 5.77 16.61
C GLY A 444 5.73 6.64 15.50
N LEU A 445 5.65 7.95 15.69
CA LEU A 445 6.14 8.87 14.67
C LEU A 445 7.59 9.32 14.85
N THR A 446 7.85 10.19 15.82
CA THR A 446 9.23 10.61 16.07
C THR A 446 9.65 10.27 17.48
N GLY A 447 10.95 10.29 17.70
CA GLY A 447 11.49 10.00 19.01
C GLY A 447 12.94 10.43 19.02
N GLY A 448 13.49 10.60 20.21
CA GLY A 448 14.88 10.98 20.32
C GLY A 448 15.56 10.43 21.54
N VAL A 449 16.90 10.38 21.50
CA VAL A 449 17.68 9.91 22.62
C VAL A 449 18.92 10.78 22.76
N TYR A 450 19.14 11.32 23.95
CA TYR A 450 20.35 12.07 24.23
C TYR A 450 21.13 11.14 25.16
N SER A 451 22.29 10.71 24.70
CA SER A 451 23.15 9.80 25.46
C SER A 451 24.50 9.75 24.78
N ARG A 452 25.54 9.46 25.55
CA ARG A 452 26.89 9.32 25.00
C ARG A 452 27.24 7.84 24.93
N LYS A 453 26.41 7.00 25.55
CA LYS A 453 26.68 5.57 25.57
C LYS A 453 26.28 4.90 24.27
N ARG A 454 27.28 4.43 23.53
CA ARG A 454 27.05 3.81 22.23
C ARG A 454 26.03 2.68 22.28
N GLU A 455 26.14 1.86 23.31
CA GLU A 455 25.24 0.72 23.47
C GLU A 455 23.79 1.13 23.63
N HIS A 456 23.55 2.28 24.26
CA HIS A 456 22.18 2.75 24.44
C HIS A 456 21.63 3.28 23.12
N LEU A 457 22.45 4.03 22.38
CA LEU A 457 22.02 4.56 21.10
C LEU A 457 21.71 3.44 20.10
N GLU A 458 22.60 2.47 19.99
CA GLU A 458 22.38 1.38 19.04
C GLU A 458 21.21 0.49 19.47
N TRP A 459 20.98 0.43 20.77
CA TRP A 459 19.86 -0.34 21.32
C TRP A 459 18.59 0.36 20.85
N ALA A 460 18.55 1.67 21.00
CA ALA A 460 17.40 2.46 20.58
C ALA A 460 17.19 2.36 19.06
N ARG A 461 18.29 2.31 18.30
CA ARG A 461 18.18 2.20 16.85
C ARG A 461 17.39 0.95 16.48
N ARG A 462 17.55 -0.11 17.28
CA ARG A 462 16.87 -1.37 17.04
C ARG A 462 15.51 -1.51 17.73
N GLU A 463 15.34 -0.87 18.88
CA GLU A 463 14.10 -1.04 19.63
C GLU A 463 13.18 0.13 19.97
N PHE A 464 13.61 1.38 19.73
CA PHE A 464 12.75 2.54 20.00
C PHE A 464 11.89 2.58 18.74
N HIS A 465 10.68 2.03 18.83
CA HIS A 465 9.79 1.89 17.68
C HIS A 465 9.06 3.11 17.13
N VAL A 466 9.80 3.95 16.43
CA VAL A 466 9.25 5.14 15.80
C VAL A 466 9.84 5.23 14.39
N GLY A 467 9.10 5.86 13.48
CA GLY A 467 9.57 5.96 12.10
C GLY A 467 10.71 6.92 11.88
N ASN A 468 10.81 7.94 12.73
CA ASN A 468 11.87 8.93 12.63
C ASN A 468 12.52 9.11 14.00
N LEU A 469 13.73 8.56 14.13
CA LEU A 469 14.47 8.59 15.38
C LEU A 469 15.72 9.47 15.25
N TYR A 470 16.00 10.27 16.28
CA TYR A 470 17.15 11.17 16.24
C TYR A 470 17.98 11.07 17.52
N PHE A 471 19.31 11.02 17.37
CA PHE A 471 20.20 10.93 18.51
C PHE A 471 21.00 12.21 18.71
N ASN A 472 20.95 12.73 19.94
CA ASN A 472 21.66 13.94 20.33
C ASN A 472 21.38 15.18 19.49
N ARG A 473 20.10 15.34 19.14
CA ARG A 473 19.61 16.49 18.39
C ARG A 473 18.08 16.54 18.48
N LYS A 474 17.50 17.65 18.04
CA LYS A 474 16.05 17.84 18.07
C LYS A 474 15.34 16.76 17.24
N ILE A 475 14.09 16.47 17.59
CA ILE A 475 13.35 15.44 16.88
C ILE A 475 12.35 15.99 15.86
N THR A 476 12.38 17.30 15.65
CA THR A 476 11.51 17.95 14.68
C THR A 476 12.37 18.40 13.50
N GLY A 477 11.72 18.88 12.44
CA GLY A 477 12.43 19.38 11.29
C GLY A 477 13.04 18.41 10.30
N ALA A 478 12.41 17.25 10.13
CA ALA A 478 12.93 16.26 9.19
C ALA A 478 13.13 16.94 7.84
N LEU A 479 14.28 16.73 7.23
CA LEU A 479 14.57 17.33 5.93
C LEU A 479 14.26 16.38 4.79
N VAL A 480 13.61 16.92 3.77
CA VAL A 480 13.27 16.15 2.58
C VAL A 480 14.56 15.50 2.02
N GLY A 481 14.46 14.24 1.65
CA GLY A 481 15.62 13.54 1.10
C GLY A 481 16.55 12.95 2.14
N VAL A 482 16.82 13.71 3.20
CA VAL A 482 17.73 13.27 4.25
C VAL A 482 17.07 12.31 5.23
N GLN A 483 15.88 12.68 5.68
CA GLN A 483 15.14 11.90 6.65
C GLN A 483 13.72 11.57 6.19
N PRO A 484 13.54 10.44 5.48
CA PRO A 484 12.22 10.02 5.01
C PRO A 484 11.27 10.16 6.20
N PHE A 485 10.17 10.89 6.03
CA PHE A 485 9.27 11.16 7.15
C PHE A 485 7.96 10.38 7.15
N GLY A 486 7.69 9.67 8.23
CA GLY A 486 6.47 8.89 8.34
C GLY A 486 6.62 7.92 9.50
N GLY A 487 5.52 7.53 10.12
CA GLY A 487 5.62 6.66 11.28
C GLY A 487 5.03 5.27 11.24
N PHE A 488 4.91 4.70 12.44
CA PHE A 488 4.38 3.36 12.66
C PHE A 488 3.12 3.46 13.51
N LYS A 489 2.46 2.32 13.67
CA LYS A 489 1.28 2.23 14.50
C LYS A 489 0.21 3.26 14.17
N LEU A 490 -0.40 3.88 15.18
CA LEU A 490 -1.46 4.84 14.87
C LEU A 490 -0.98 6.21 14.39
N SER A 491 0.30 6.30 14.04
CA SER A 491 0.84 7.52 13.48
C SER A 491 0.61 7.49 11.97
N GLY A 492 0.01 6.41 11.47
CA GLY A 492 -0.27 6.36 10.05
C GLY A 492 0.12 5.10 9.29
N THR A 493 0.11 5.24 7.96
CA THR A 493 0.43 4.12 7.07
C THR A 493 1.89 4.02 6.62
N ASN A 494 2.76 4.83 7.22
CA ASN A 494 4.18 4.82 6.90
C ASN A 494 4.48 5.28 5.47
N ALA A 495 3.72 6.24 4.95
CA ALA A 495 3.98 6.76 3.62
C ALA A 495 5.12 7.73 3.86
N LYS A 496 6.34 7.31 3.54
CA LYS A 496 7.52 8.14 3.78
C LYS A 496 7.67 9.32 2.83
N THR A 497 7.34 10.52 3.30
CA THR A 497 7.46 11.70 2.45
C THR A 497 8.93 12.07 2.28
N GLY A 498 9.24 12.74 1.18
CA GLY A 498 10.62 13.14 0.93
C GLY A 498 11.54 11.96 0.70
N ALA A 499 10.97 10.89 0.16
CA ALA A 499 11.72 9.67 -0.12
C ALA A 499 11.27 9.08 -1.46
N LEU A 500 12.16 8.36 -2.11
CA LEU A 500 11.86 7.74 -3.39
C LEU A 500 10.59 6.87 -3.32
N ASP A 501 10.44 6.13 -2.21
CA ASP A 501 9.30 5.25 -2.01
C ASP A 501 7.94 5.93 -2.03
N TYR A 502 7.91 7.22 -1.70
CA TYR A 502 6.64 7.93 -1.67
C TYR A 502 5.88 7.88 -2.99
N LEU A 503 6.59 8.10 -4.09
CA LEU A 503 5.94 8.12 -5.40
C LEU A 503 5.38 6.77 -5.85
N ARG A 504 5.98 5.68 -5.38
CA ARG A 504 5.51 4.34 -5.74
C ARG A 504 4.07 4.15 -5.29
N LEU A 505 3.69 4.86 -4.23
CA LEU A 505 2.34 4.76 -3.68
C LEU A 505 1.27 5.25 -4.64
N PHE A 506 1.66 6.07 -5.61
CA PHE A 506 0.68 6.64 -6.55
C PHE A 506 0.81 6.07 -7.96
N LEU A 507 1.33 4.85 -8.02
CA LEU A 507 1.52 4.16 -9.30
C LEU A 507 1.07 2.71 -9.20
N GLU A 508 0.72 2.13 -10.34
CA GLU A 508 0.37 0.73 -10.41
C GLU A 508 1.22 0.16 -11.55
N MET A 509 1.42 -1.15 -11.56
CA MET A 509 2.28 -1.75 -12.57
C MET A 509 1.56 -2.60 -13.61
N LYS A 510 2.03 -2.52 -14.85
CA LYS A 510 1.50 -3.31 -15.94
C LYS A 510 2.64 -4.14 -16.52
N ALA A 511 2.36 -5.38 -16.89
CA ALA A 511 3.37 -6.26 -17.48
C ALA A 511 2.85 -6.68 -18.84
N VAL A 512 3.62 -6.37 -19.88
CA VAL A 512 3.22 -6.70 -21.25
C VAL A 512 4.25 -7.60 -21.93
N ALA A 513 3.77 -8.73 -22.43
CA ALA A 513 4.62 -9.69 -23.11
C ALA A 513 4.24 -9.86 -24.57
N GLU A 514 5.25 -9.89 -25.45
CA GLU A 514 4.97 -10.14 -26.86
C GLU A 514 5.80 -11.33 -27.29
N ARG A 515 5.13 -12.37 -27.78
CA ARG A 515 5.82 -13.56 -28.27
C ARG A 515 6.00 -13.30 -29.76
N PHE A 516 7.24 -13.24 -30.22
CA PHE A 516 7.53 -12.95 -31.62
C PHE A 516 7.30 -14.11 -32.57
N MET B 1 25.89 -11.40 -5.18
CA MET B 1 25.06 -12.61 -4.96
C MET B 1 25.93 -13.79 -4.56
N THR B 2 25.34 -14.77 -3.90
CA THR B 2 26.07 -15.96 -3.47
C THR B 2 25.48 -17.24 -4.07
N VAL B 3 24.46 -17.07 -4.90
CA VAL B 3 23.83 -18.20 -5.58
C VAL B 3 23.74 -17.86 -7.06
N GLU B 4 23.44 -18.85 -7.90
CA GLU B 4 23.31 -18.65 -9.34
C GLU B 4 22.17 -17.67 -9.62
N PRO B 5 22.21 -16.99 -10.77
CA PRO B 5 21.13 -16.05 -11.09
C PRO B 5 19.84 -16.85 -11.18
N PHE B 6 18.73 -16.20 -10.83
CA PHE B 6 17.43 -16.86 -10.89
C PHE B 6 17.09 -17.39 -12.27
N ARG B 7 16.51 -18.59 -12.31
CA ARG B 7 16.05 -19.21 -13.54
C ARG B 7 14.75 -19.91 -13.17
N ASN B 8 13.77 -19.90 -14.06
CA ASN B 8 12.51 -20.58 -13.78
C ASN B 8 12.67 -22.09 -13.81
N GLU B 9 11.98 -22.78 -12.89
CA GLU B 9 12.02 -24.23 -12.81
C GLU B 9 11.35 -24.77 -14.06
N PRO B 10 12.01 -25.68 -14.79
CA PRO B 10 11.38 -26.21 -16.00
C PRO B 10 10.07 -26.93 -15.71
N ILE B 11 9.09 -26.77 -16.60
CA ILE B 11 7.80 -27.42 -16.45
C ILE B 11 7.85 -28.75 -17.20
N GLU B 12 7.68 -29.85 -16.47
CA GLU B 12 7.74 -31.17 -17.08
C GLU B 12 6.62 -31.38 -18.09
N THR B 13 6.98 -31.89 -19.27
CA THR B 13 6.01 -32.14 -20.33
C THR B 13 5.66 -33.62 -20.44
N PHE B 14 6.43 -34.47 -19.76
CA PHE B 14 6.21 -35.90 -19.75
C PHE B 14 6.27 -36.54 -21.14
N GLN B 15 7.22 -36.07 -21.95
CA GLN B 15 7.39 -36.60 -23.30
C GLN B 15 8.32 -37.81 -23.30
N THR B 16 9.07 -37.97 -22.22
CA THR B 16 10.00 -39.09 -22.09
C THR B 16 9.37 -40.22 -21.29
N GLU B 17 9.88 -41.44 -21.49
CA GLU B 17 9.38 -42.61 -20.79
C GLU B 17 9.68 -42.50 -19.29
N GLU B 18 10.87 -42.03 -18.97
CA GLU B 18 11.26 -41.88 -17.57
C GLU B 18 10.33 -40.94 -16.82
N ALA B 19 9.93 -39.85 -17.48
CA ALA B 19 9.03 -38.88 -16.86
C ALA B 19 7.67 -39.50 -16.57
N ARG B 20 7.15 -40.25 -17.53
CA ARG B 20 5.85 -40.89 -17.36
C ARG B 20 5.91 -41.96 -16.27
N ARG B 21 7.02 -42.70 -16.24
CA ARG B 21 7.22 -43.75 -15.23
C ARG B 21 7.27 -43.13 -13.85
N ALA B 22 8.00 -42.03 -13.72
CA ALA B 22 8.14 -41.34 -12.45
C ALA B 22 6.81 -40.80 -11.97
N MET B 23 5.98 -40.33 -12.90
CA MET B 23 4.67 -39.81 -12.53
C MET B 23 3.77 -40.96 -12.08
N ARG B 24 3.78 -42.08 -12.80
CA ARG B 24 2.95 -43.21 -12.41
C ARG B 24 3.33 -43.69 -11.02
N GLU B 25 4.63 -43.72 -10.73
CA GLU B 25 5.13 -44.15 -9.43
C GLU B 25 4.64 -43.19 -8.35
N ALA B 26 4.66 -41.89 -8.65
CA ALA B 26 4.22 -40.88 -7.71
C ALA B 26 2.72 -40.99 -7.44
N LEU B 27 1.94 -41.20 -8.51
CA LEU B 27 0.50 -41.34 -8.38
C LEU B 27 0.19 -42.54 -7.50
N ARG B 28 0.93 -43.63 -7.68
CA ARG B 28 0.70 -44.82 -6.87
C ARG B 28 1.00 -44.56 -5.39
N ARG B 29 2.13 -43.92 -5.12
CA ARG B 29 2.49 -43.63 -3.73
C ARG B 29 1.45 -42.73 -3.08
N VAL B 30 1.02 -41.70 -3.79
CA VAL B 30 0.03 -40.78 -3.25
C VAL B 30 -1.29 -41.46 -2.92
N ARG B 31 -1.79 -42.30 -3.82
CA ARG B 31 -3.08 -42.94 -3.56
C ARG B 31 -2.96 -44.01 -2.47
N GLU B 32 -1.78 -44.60 -2.32
CA GLU B 32 -1.58 -45.59 -1.28
C GLU B 32 -1.64 -44.88 0.08
N GLU B 33 -1.49 -43.56 0.06
CA GLU B 33 -1.53 -42.77 1.28
C GLU B 33 -2.82 -41.97 1.45
N PHE B 34 -3.86 -42.31 0.68
CA PHE B 34 -5.14 -41.61 0.78
C PHE B 34 -5.73 -41.66 2.20
N GLY B 35 -5.34 -42.66 2.99
CA GLY B 35 -5.87 -42.80 4.33
C GLY B 35 -5.18 -41.93 5.38
N ARG B 36 -4.16 -41.19 4.98
CA ARG B 36 -3.43 -40.34 5.91
C ARG B 36 -4.24 -39.18 6.48
N HIS B 37 -3.89 -38.83 7.72
CA HIS B 37 -4.51 -37.73 8.43
C HIS B 37 -3.42 -36.69 8.68
N TYR B 38 -3.71 -35.43 8.39
CA TYR B 38 -2.73 -34.37 8.57
C TYR B 38 -3.21 -33.37 9.61
N PRO B 39 -2.46 -33.22 10.71
CA PRO B 39 -2.87 -32.28 11.77
C PRO B 39 -2.59 -30.83 11.38
N LEU B 40 -2.87 -29.92 12.29
CA LEU B 40 -2.59 -28.50 12.08
C LEU B 40 -1.11 -28.39 12.39
N TYR B 41 -0.49 -27.27 12.00
CA TYR B 41 0.92 -27.05 12.31
C TYR B 41 0.97 -25.70 13.02
N ILE B 42 1.27 -25.75 14.31
CA ILE B 42 1.32 -24.54 15.13
C ILE B 42 2.56 -24.54 16.02
N GLY B 43 3.28 -23.43 16.02
CA GLY B 43 4.46 -23.34 16.85
C GLY B 43 5.48 -24.44 16.69
N GLY B 44 5.78 -24.80 15.45
CA GLY B 44 6.78 -25.82 15.19
C GLY B 44 6.39 -27.27 15.40
N GLU B 45 5.11 -27.52 15.65
CA GLU B 45 4.69 -28.91 15.85
C GLU B 45 3.32 -29.19 15.27
N TRP B 46 3.10 -30.45 14.92
CA TRP B 46 1.82 -30.87 14.39
C TRP B 46 0.89 -31.04 15.57
N VAL B 47 -0.25 -30.36 15.52
CA VAL B 47 -1.25 -30.40 16.58
C VAL B 47 -2.56 -30.90 16.00
N ASP B 48 -3.08 -31.98 16.56
CA ASP B 48 -4.32 -32.56 16.06
C ASP B 48 -5.52 -31.98 16.80
N THR B 49 -6.72 -32.20 16.25
CA THR B 49 -7.95 -31.72 16.86
C THR B 49 -8.94 -32.88 16.88
N LYS B 50 -10.03 -32.71 17.64
CA LYS B 50 -11.07 -33.72 17.75
C LYS B 50 -11.81 -33.88 16.42
N GLU B 51 -12.27 -32.77 15.86
CA GLU B 51 -12.99 -32.80 14.61
C GLU B 51 -12.02 -32.83 13.43
N ARG B 52 -12.49 -33.32 12.28
CA ARG B 52 -11.65 -33.41 11.10
C ARG B 52 -12.36 -32.96 9.84
N MET B 53 -11.56 -32.73 8.80
CA MET B 53 -12.06 -32.32 7.50
C MET B 53 -11.73 -33.44 6.51
N VAL B 54 -12.61 -33.67 5.56
CA VAL B 54 -12.40 -34.71 4.56
C VAL B 54 -12.16 -34.10 3.19
N SER B 55 -11.10 -34.53 2.51
CA SER B 55 -10.78 -34.04 1.19
C SER B 55 -11.17 -35.13 0.19
N LEU B 56 -11.92 -34.74 -0.84
CA LEU B 56 -12.39 -35.67 -1.85
C LEU B 56 -11.68 -35.53 -3.19
N ASN B 57 -11.73 -36.60 -3.97
CA ASN B 57 -11.14 -36.63 -5.31
C ASN B 57 -12.23 -36.13 -6.26
N PRO B 58 -12.05 -34.95 -6.87
CA PRO B 58 -13.09 -34.43 -7.77
C PRO B 58 -13.35 -35.29 -9.00
N SER B 59 -12.43 -36.21 -9.29
CA SER B 59 -12.59 -37.10 -10.44
C SER B 59 -13.37 -38.36 -10.03
N ALA B 60 -13.56 -38.53 -8.72
CA ALA B 60 -14.30 -39.66 -8.14
C ALA B 60 -14.58 -39.25 -6.71
N PRO B 61 -15.54 -38.34 -6.52
CA PRO B 61 -15.92 -37.81 -5.21
C PRO B 61 -16.26 -38.76 -4.08
N SER B 62 -16.47 -40.04 -4.38
CA SER B 62 -16.77 -40.99 -3.31
C SER B 62 -15.45 -41.48 -2.72
N GLU B 63 -14.34 -41.06 -3.32
CA GLU B 63 -13.01 -41.46 -2.85
C GLU B 63 -12.35 -40.35 -2.05
N VAL B 64 -11.97 -40.67 -0.82
CA VAL B 64 -11.31 -39.73 0.08
C VAL B 64 -9.81 -39.74 -0.20
N VAL B 65 -9.21 -38.56 -0.37
CA VAL B 65 -7.79 -38.49 -0.64
C VAL B 65 -6.97 -38.17 0.60
N GLY B 66 -7.67 -37.93 1.70
CA GLY B 66 -7.01 -37.62 2.96
C GLY B 66 -7.91 -36.84 3.89
N THR B 67 -7.51 -36.74 5.15
CA THR B 67 -8.28 -35.96 6.12
C THR B 67 -7.29 -35.08 6.87
N THR B 68 -7.80 -33.97 7.43
CA THR B 68 -6.94 -33.07 8.19
C THR B 68 -7.67 -32.63 9.45
N ALA B 69 -6.91 -32.00 10.35
CA ALA B 69 -7.48 -31.48 11.58
C ALA B 69 -8.31 -30.28 11.15
N LYS B 70 -9.13 -29.76 12.06
CA LYS B 70 -9.98 -28.62 11.76
C LYS B 70 -9.79 -27.54 12.81
N ALA B 71 -9.24 -26.41 12.39
CA ALA B 71 -8.98 -25.30 13.30
C ALA B 71 -10.21 -24.47 13.62
N GLY B 72 -10.27 -24.01 14.87
CA GLY B 72 -11.37 -23.17 15.32
C GLY B 72 -10.72 -21.89 15.83
N LYS B 73 -11.49 -21.04 16.50
CA LYS B 73 -10.96 -19.79 17.03
C LYS B 73 -9.83 -20.01 18.03
N ALA B 74 -9.97 -21.04 18.86
CA ALA B 74 -8.97 -21.34 19.88
C ALA B 74 -7.62 -21.64 19.24
N GLU B 75 -7.62 -22.42 18.17
CA GLU B 75 -6.38 -22.75 17.48
C GLU B 75 -5.84 -21.55 16.74
N ALA B 76 -6.72 -20.71 16.22
CA ALA B 76 -6.29 -19.50 15.51
C ALA B 76 -5.57 -18.57 16.50
N GLU B 77 -6.12 -18.45 17.71
CA GLU B 77 -5.52 -17.61 18.74
C GLU B 77 -4.16 -18.17 19.14
N ALA B 78 -4.08 -19.49 19.28
CA ALA B 78 -2.83 -20.14 19.65
C ALA B 78 -1.78 -19.90 18.57
N ALA B 79 -2.21 -19.95 17.31
CA ALA B 79 -1.30 -19.73 16.20
C ALA B 79 -0.81 -18.28 16.20
N LEU B 80 -1.71 -17.34 16.48
CA LEU B 80 -1.33 -15.94 16.50
C LEU B 80 -0.33 -15.65 17.61
N GLU B 81 -0.52 -16.28 18.77
CA GLU B 81 0.41 -16.08 19.87
C GLU B 81 1.78 -16.64 19.50
N ALA B 82 1.78 -17.79 18.83
CA ALA B 82 3.04 -18.41 18.42
C ALA B 82 3.73 -17.55 17.36
N ALA B 83 2.95 -16.98 16.45
CA ALA B 83 3.48 -16.14 15.39
C ALA B 83 4.12 -14.87 15.93
N TRP B 84 3.49 -14.24 16.92
CA TRP B 84 4.07 -13.04 17.49
C TRP B 84 5.31 -13.35 18.31
N LYS B 85 5.28 -14.45 19.05
CA LYS B 85 6.44 -14.83 19.85
C LYS B 85 7.63 -15.07 18.92
N ALA B 86 7.37 -15.75 17.80
CA ALA B 86 8.41 -16.03 16.83
C ALA B 86 8.93 -14.76 16.15
N PHE B 87 8.01 -13.86 15.82
CA PHE B 87 8.40 -12.62 15.16
C PHE B 87 9.48 -11.86 15.92
N LYS B 88 9.37 -11.84 17.25
CA LYS B 88 10.32 -11.15 18.09
C LYS B 88 11.79 -11.49 17.79
N THR B 89 12.05 -12.74 17.41
CA THR B 89 13.42 -13.13 17.10
C THR B 89 13.67 -13.34 15.59
N TRP B 90 12.64 -13.80 14.87
CA TRP B 90 12.78 -14.02 13.43
C TRP B 90 13.07 -12.72 12.70
N LYS B 91 12.52 -11.61 13.18
CA LYS B 91 12.77 -10.33 12.53
C LYS B 91 14.24 -9.92 12.62
N ASP B 92 14.95 -10.45 13.61
CA ASP B 92 16.35 -10.09 13.79
C ASP B 92 17.34 -11.01 13.09
N TRP B 93 16.85 -12.05 12.44
CA TRP B 93 17.74 -12.94 11.69
C TRP B 93 18.38 -12.15 10.56
N PRO B 94 19.66 -12.39 10.29
CA PRO B 94 20.29 -11.66 9.19
C PRO B 94 19.50 -12.09 7.94
N GLN B 95 19.30 -11.19 6.99
CA GLN B 95 18.56 -11.56 5.79
C GLN B 95 19.20 -12.75 5.08
N GLU B 96 20.53 -12.79 5.08
CA GLU B 96 21.23 -13.89 4.42
C GLU B 96 20.80 -15.23 5.00
N ASP B 97 20.55 -15.27 6.31
CA ASP B 97 20.13 -16.49 6.99
C ASP B 97 18.71 -16.88 6.60
N ARG B 98 17.82 -15.88 6.54
CA ARG B 98 16.43 -16.15 6.18
C ARG B 98 16.36 -16.61 4.73
N SER B 99 17.14 -15.98 3.85
CA SER B 99 17.13 -16.37 2.45
C SER B 99 17.66 -17.79 2.26
N ARG B 100 18.68 -18.16 3.04
CA ARG B 100 19.21 -19.53 2.93
C ARG B 100 18.14 -20.54 3.35
N LEU B 101 17.33 -20.18 4.34
CA LEU B 101 16.28 -21.08 4.80
C LEU B 101 15.29 -21.30 3.65
N LEU B 102 14.94 -20.22 2.94
CA LEU B 102 14.03 -20.36 1.81
C LEU B 102 14.65 -21.26 0.75
N LEU B 103 15.93 -21.05 0.45
CA LEU B 103 16.59 -21.87 -0.56
C LEU B 103 16.58 -23.35 -0.19
N LYS B 104 16.69 -23.65 1.10
CA LYS B 104 16.64 -25.03 1.54
C LYS B 104 15.23 -25.57 1.27
N ALA B 105 14.21 -24.79 1.59
CA ALA B 105 12.82 -25.21 1.35
C ALA B 105 12.59 -25.49 -0.13
N ALA B 106 13.15 -24.65 -1.00
CA ALA B 106 13.00 -24.84 -2.43
C ALA B 106 13.66 -26.14 -2.88
N ALA B 107 14.83 -26.43 -2.32
CA ALA B 107 15.54 -27.65 -2.67
C ALA B 107 14.74 -28.87 -2.24
N LEU B 108 14.14 -28.80 -1.06
CA LEU B 108 13.32 -29.89 -0.56
C LEU B 108 12.07 -30.06 -1.41
N MET B 109 11.45 -28.96 -1.82
CA MET B 109 10.25 -29.05 -2.64
C MET B 109 10.59 -29.64 -4.01
N ARG B 110 11.73 -29.25 -4.56
CA ARG B 110 12.15 -29.74 -5.87
C ARG B 110 12.34 -31.26 -5.83
N ARG B 111 12.85 -31.79 -4.71
CA ARG B 111 13.05 -33.22 -4.57
C ARG B 111 11.74 -33.99 -4.41
N ARG B 112 10.66 -33.27 -4.10
CA ARG B 112 9.35 -33.91 -3.93
C ARG B 112 8.36 -33.44 -4.99
N LYS B 113 8.86 -32.96 -6.12
CA LYS B 113 8.01 -32.47 -7.21
C LYS B 113 6.93 -33.44 -7.68
N ARG B 114 7.32 -34.66 -8.02
CA ARG B 114 6.34 -35.64 -8.51
C ARG B 114 5.26 -35.94 -7.49
N GLU B 115 5.64 -36.05 -6.22
CA GLU B 115 4.68 -36.33 -5.14
C GLU B 115 3.65 -35.21 -5.05
N LEU B 116 4.12 -33.96 -5.06
CA LEU B 116 3.21 -32.82 -4.98
C LEU B 116 2.32 -32.74 -6.22
N GLU B 117 2.88 -33.00 -7.39
CA GLU B 117 2.10 -32.96 -8.63
C GLU B 117 0.99 -34.00 -8.57
N ALA B 118 1.34 -35.22 -8.17
CA ALA B 118 0.37 -36.30 -8.08
C ALA B 118 -0.73 -35.96 -7.07
N THR B 119 -0.39 -35.24 -6.02
CA THR B 119 -1.37 -34.86 -5.02
C THR B 119 -2.33 -33.85 -5.64
N LEU B 120 -1.80 -32.94 -6.46
CA LEU B 120 -2.65 -31.96 -7.14
C LEU B 120 -3.59 -32.66 -8.10
N VAL B 121 -3.10 -33.68 -8.79
CA VAL B 121 -3.91 -34.43 -9.73
C VAL B 121 -5.13 -35.03 -9.03
N TYR B 122 -4.88 -35.74 -7.93
CA TYR B 122 -5.95 -36.40 -7.19
C TYR B 122 -6.82 -35.48 -6.33
N GLU B 123 -6.22 -34.46 -5.70
CA GLU B 123 -7.01 -33.60 -4.83
C GLU B 123 -7.78 -32.47 -5.50
N VAL B 124 -7.19 -31.84 -6.52
CA VAL B 124 -7.91 -30.75 -7.18
C VAL B 124 -8.18 -30.94 -8.67
N GLY B 125 -7.91 -32.14 -9.18
CA GLY B 125 -8.21 -32.42 -10.57
C GLY B 125 -7.40 -31.77 -11.67
N LYS B 126 -6.13 -31.49 -11.42
CA LYS B 126 -5.29 -30.91 -12.45
C LYS B 126 -4.72 -32.04 -13.29
N ASN B 127 -4.61 -31.83 -14.60
CA ASN B 127 -4.01 -32.86 -15.41
C ASN B 127 -2.49 -32.77 -15.14
N TRP B 128 -1.72 -33.63 -15.78
CA TRP B 128 -0.28 -33.67 -15.52
C TRP B 128 0.52 -32.40 -15.70
N VAL B 129 0.36 -31.72 -16.83
CA VAL B 129 1.13 -30.50 -17.06
C VAL B 129 0.65 -29.34 -16.20
N GLU B 130 -0.65 -29.26 -15.92
CA GLU B 130 -1.14 -28.19 -15.07
C GLU B 130 -0.56 -28.40 -13.67
N ALA B 131 -0.48 -29.65 -13.24
CA ALA B 131 0.07 -29.96 -11.93
C ALA B 131 1.56 -29.60 -11.88
N SER B 132 2.30 -29.97 -12.92
CA SER B 132 3.73 -29.68 -12.95
C SER B 132 3.99 -28.18 -12.96
N ALA B 133 3.19 -27.43 -13.72
CA ALA B 133 3.36 -25.98 -13.78
C ALA B 133 3.12 -25.35 -12.41
N ASP B 134 2.14 -25.87 -11.68
CA ASP B 134 1.79 -25.37 -10.36
C ASP B 134 2.97 -25.55 -9.40
N VAL B 135 3.49 -26.76 -9.29
CA VAL B 135 4.61 -27.00 -8.40
C VAL B 135 5.86 -26.22 -8.82
N ALA B 136 6.11 -26.15 -10.12
CA ALA B 136 7.28 -25.43 -10.62
C ALA B 136 7.19 -23.95 -10.23
N GLU B 137 5.98 -23.41 -10.25
CA GLU B 137 5.77 -22.00 -9.90
C GLU B 137 6.03 -21.79 -8.40
N ALA B 138 5.64 -22.76 -7.57
CA ALA B 138 5.86 -22.64 -6.14
C ALA B 138 7.36 -22.58 -5.87
N ILE B 139 8.12 -23.45 -6.55
CA ILE B 139 9.57 -23.47 -6.40
C ILE B 139 10.11 -22.12 -6.84
N ASP B 140 9.58 -21.60 -7.95
CA ASP B 140 10.01 -20.30 -8.46
C ASP B 140 9.79 -19.19 -7.43
N PHE B 141 8.63 -19.17 -6.78
CA PHE B 141 8.38 -18.14 -5.77
C PHE B 141 9.42 -18.17 -4.67
N ILE B 142 9.75 -19.37 -4.21
CA ILE B 142 10.74 -19.51 -3.15
C ILE B 142 12.11 -19.02 -3.61
N GLU B 143 12.54 -19.49 -4.78
CA GLU B 143 13.85 -19.10 -5.32
C GLU B 143 13.92 -17.60 -5.60
N TYR B 144 12.85 -17.05 -6.15
CA TYR B 144 12.81 -15.64 -6.49
C TYR B 144 12.77 -14.73 -5.26
N TYR B 145 11.86 -15.00 -4.33
CA TYR B 145 11.77 -14.17 -3.13
C TYR B 145 13.01 -14.27 -2.25
N ALA B 146 13.66 -15.43 -2.24
CA ALA B 146 14.87 -15.59 -1.44
C ALA B 146 15.92 -14.58 -1.91
N ARG B 147 16.04 -14.43 -3.23
CA ARG B 147 16.99 -13.51 -3.83
C ARG B 147 16.53 -12.05 -3.72
N ALA B 148 15.25 -11.82 -4.02
CA ALA B 148 14.69 -10.48 -3.98
C ALA B 148 14.79 -9.86 -2.59
N ALA B 149 14.61 -10.67 -1.55
CA ALA B 149 14.67 -10.19 -0.18
C ALA B 149 16.02 -9.54 0.15
N LEU B 150 17.09 -10.02 -0.47
CA LEU B 150 18.41 -9.46 -0.20
C LEU B 150 18.56 -8.04 -0.71
N ARG B 151 17.72 -7.65 -1.67
CA ARG B 151 17.76 -6.30 -2.21
C ARG B 151 17.28 -5.26 -1.20
N TYR B 152 16.63 -5.73 -0.14
CA TYR B 152 16.11 -4.84 0.89
C TYR B 152 16.91 -4.89 2.19
N ARG B 153 18.04 -5.60 2.19
CA ARG B 153 18.82 -5.75 3.41
C ARG B 153 19.41 -4.46 4.00
N TYR B 154 19.58 -4.49 5.32
CA TYR B 154 20.08 -3.36 6.10
C TYR B 154 21.44 -2.80 5.68
N PRO B 155 21.51 -1.49 5.37
CA PRO B 155 20.48 -0.45 5.35
C PRO B 155 20.28 -0.16 3.85
N ALA B 156 19.10 -0.47 3.33
CA ALA B 156 18.85 -0.35 1.89
C ALA B 156 18.35 0.95 1.28
N VAL B 157 17.94 1.91 2.09
CA VAL B 157 17.38 3.14 1.52
C VAL B 157 18.38 4.21 1.11
N GLU B 158 18.20 4.72 -0.11
CA GLU B 158 19.04 5.78 -0.67
C GLU B 158 18.58 7.13 -0.13
N VAL B 159 19.43 7.77 0.67
CA VAL B 159 19.08 9.07 1.24
C VAL B 159 20.12 10.13 0.94
N VAL B 160 19.71 11.38 1.16
CA VAL B 160 20.60 12.52 0.94
C VAL B 160 21.38 12.79 2.22
N PRO B 161 22.71 12.91 2.13
CA PRO B 161 23.49 13.16 3.34
C PRO B 161 23.38 14.58 3.88
N TYR B 162 23.77 14.75 5.14
CA TYR B 162 23.72 16.05 5.81
C TYR B 162 25.01 16.20 6.62
N PRO B 163 25.59 17.42 6.64
CA PRO B 163 26.83 17.66 7.38
C PRO B 163 26.77 17.33 8.88
N GLY B 164 27.83 16.68 9.36
CA GLY B 164 27.95 16.33 10.77
C GLY B 164 26.96 15.33 11.33
N GLU B 165 26.30 14.58 10.45
CA GLU B 165 25.30 13.60 10.85
C GLU B 165 25.37 12.32 10.04
N ASP B 166 24.92 11.24 10.66
CA ASP B 166 24.81 9.96 9.96
C ASP B 166 23.29 9.84 9.82
N ASN B 167 22.83 9.61 8.60
CA ASN B 167 21.40 9.46 8.36
C ASN B 167 21.23 8.12 7.68
N GLU B 168 20.58 7.21 8.39
CA GLU B 168 20.39 5.87 7.92
C GLU B 168 18.94 5.43 7.91
N SER B 169 18.45 5.05 6.73
CA SER B 169 17.07 4.57 6.62
C SER B 169 17.13 3.10 6.23
N PHE B 170 16.25 2.30 6.83
CA PHE B 170 16.24 0.87 6.55
C PHE B 170 14.85 0.28 6.72
N TYR B 171 14.66 -0.91 6.17
CA TYR B 171 13.38 -1.59 6.25
C TYR B 171 13.32 -2.61 7.36
N VAL B 172 12.12 -2.79 7.89
CA VAL B 172 11.84 -3.77 8.93
C VAL B 172 10.51 -4.43 8.62
N PRO B 173 10.37 -5.70 8.98
CA PRO B 173 9.11 -6.41 8.73
C PRO B 173 7.98 -5.86 9.62
N LEU B 174 6.74 -6.15 9.23
CA LEU B 174 5.57 -5.67 9.94
C LEU B 174 5.17 -6.43 11.21
N GLY B 175 5.16 -7.75 11.12
CA GLY B 175 4.79 -8.57 12.26
C GLY B 175 4.13 -9.86 11.82
N ALA B 176 3.11 -10.30 12.54
CA ALA B 176 2.40 -11.53 12.22
C ALA B 176 1.15 -11.23 11.40
N GLY B 177 0.96 -11.98 10.33
CA GLY B 177 -0.20 -11.76 9.48
C GLY B 177 -0.86 -13.05 9.07
N VAL B 178 -1.99 -12.94 8.37
CA VAL B 178 -2.72 -14.12 7.92
C VAL B 178 -2.75 -14.21 6.40
N VAL B 179 -2.61 -15.44 5.91
CA VAL B 179 -2.64 -15.74 4.49
C VAL B 179 -3.88 -16.59 4.24
N ILE B 180 -4.70 -16.18 3.30
CA ILE B 180 -5.92 -16.91 2.93
C ILE B 180 -5.69 -17.29 1.48
N ALA B 181 -5.36 -18.56 1.25
CA ALA B 181 -5.03 -19.09 -0.07
C ALA B 181 -6.17 -19.72 -0.85
N PRO B 182 -6.02 -19.80 -2.19
CA PRO B 182 -7.01 -20.37 -3.09
C PRO B 182 -6.81 -21.86 -3.33
N TRP B 183 -7.83 -22.50 -3.88
CA TRP B 183 -7.76 -23.92 -4.18
C TRP B 183 -7.26 -24.20 -5.59
N ASN B 184 -7.26 -23.20 -6.46
CA ASN B 184 -6.84 -23.44 -7.84
C ASN B 184 -5.33 -23.53 -8.10
N PHE B 185 -4.53 -22.92 -7.22
CA PHE B 185 -3.07 -23.01 -7.29
C PHE B 185 -2.67 -23.20 -5.83
N PRO B 186 -3.08 -24.34 -5.24
CA PRO B 186 -2.82 -24.68 -3.85
C PRO B 186 -1.40 -25.02 -3.43
N VAL B 187 -0.48 -25.04 -4.38
CA VAL B 187 0.92 -25.23 -4.03
C VAL B 187 1.60 -23.90 -4.37
N ALA B 188 1.47 -23.47 -5.64
CA ALA B 188 2.09 -22.23 -6.09
C ALA B 188 1.72 -20.96 -5.31
N ILE B 189 0.45 -20.58 -5.33
CA ILE B 189 0.02 -19.35 -4.65
C ILE B 189 0.06 -19.50 -3.13
N PHE B 190 -0.28 -20.70 -2.65
CA PHE B 190 -0.23 -20.97 -1.21
C PHE B 190 1.20 -20.70 -0.74
N THR B 191 2.17 -21.23 -1.47
CA THR B 191 3.57 -21.05 -1.13
C THR B 191 4.05 -19.60 -1.26
N GLY B 192 3.76 -19.00 -2.41
CA GLY B 192 4.19 -17.61 -2.64
C GLY B 192 3.68 -16.61 -1.62
N MET B 193 2.40 -16.69 -1.30
CA MET B 193 1.79 -15.76 -0.35
C MET B 193 2.37 -15.89 1.05
N ILE B 194 2.88 -17.07 1.37
CA ILE B 194 3.47 -17.32 2.68
C ILE B 194 4.96 -16.93 2.73
N VAL B 195 5.74 -17.47 1.81
CA VAL B 195 7.18 -17.21 1.83
C VAL B 195 7.63 -15.79 1.50
N GLY B 196 6.81 -15.04 0.77
CA GLY B 196 7.20 -13.67 0.45
C GLY B 196 7.30 -12.88 1.75
N PRO B 197 6.21 -12.81 2.53
CA PRO B 197 6.24 -12.06 3.80
C PRO B 197 7.27 -12.64 4.77
N VAL B 198 7.35 -13.96 4.85
CA VAL B 198 8.28 -14.62 5.75
C VAL B 198 9.75 -14.34 5.44
N ALA B 199 10.08 -14.28 4.14
CA ALA B 199 11.45 -14.04 3.70
C ALA B 199 12.06 -12.79 4.31
N VAL B 200 11.27 -11.72 4.41
CA VAL B 200 11.78 -10.46 4.94
C VAL B 200 11.58 -10.24 6.44
N GLY B 201 11.18 -11.29 7.16
CA GLY B 201 11.04 -11.15 8.59
C GLY B 201 9.67 -11.21 9.24
N ASN B 202 8.62 -11.37 8.45
CA ASN B 202 7.29 -11.47 9.02
C ASN B 202 7.01 -12.93 9.38
N THR B 203 5.95 -13.15 10.14
CA THR B 203 5.53 -14.50 10.49
C THR B 203 4.12 -14.65 9.95
N VAL B 204 3.71 -15.87 9.64
CA VAL B 204 2.42 -16.08 9.01
C VAL B 204 1.58 -17.24 9.54
N ILE B 205 0.27 -17.02 9.50
CA ILE B 205 -0.73 -18.04 9.86
C ILE B 205 -1.42 -18.24 8.52
N ALA B 206 -1.34 -19.45 7.98
CA ALA B 206 -1.93 -19.72 6.68
C ALA B 206 -3.16 -20.62 6.71
N LYS B 207 -4.22 -20.16 6.06
CA LYS B 207 -5.45 -20.95 5.97
C LYS B 207 -5.59 -21.44 4.54
N PRO B 208 -5.40 -22.74 4.32
CA PRO B 208 -5.53 -23.29 2.96
C PRO B 208 -7.00 -23.32 2.58
N ALA B 209 -7.27 -23.44 1.28
CA ALA B 209 -8.64 -23.53 0.80
C ALA B 209 -9.13 -24.94 1.18
N GLU B 210 -10.38 -25.06 1.59
CA GLU B 210 -10.94 -26.35 2.00
C GLU B 210 -10.70 -27.50 1.02
N ASP B 211 -10.83 -27.22 -0.27
CA ASP B 211 -10.65 -28.24 -1.31
C ASP B 211 -9.21 -28.69 -1.51
N ALA B 212 -8.27 -27.99 -0.90
CA ALA B 212 -6.86 -28.33 -1.08
C ALA B 212 -6.06 -28.42 0.21
N VAL B 213 -6.69 -28.90 1.28
CA VAL B 213 -6.00 -28.99 2.57
C VAL B 213 -4.89 -30.04 2.63
N VAL B 214 -5.02 -31.13 1.87
CA VAL B 214 -3.98 -32.16 1.90
C VAL B 214 -2.68 -31.69 1.29
N VAL B 215 -2.74 -31.10 0.09
CA VAL B 215 -1.50 -30.65 -0.53
C VAL B 215 -0.89 -29.50 0.27
N GLY B 216 -1.73 -28.71 0.94
CA GLY B 216 -1.22 -27.64 1.76
C GLY B 216 -0.43 -28.21 2.92
N ALA B 217 -0.91 -29.32 3.47
CA ALA B 217 -0.22 -29.97 4.58
C ALA B 217 1.12 -30.50 4.11
N LYS B 218 1.18 -31.03 2.89
CA LYS B 218 2.44 -31.55 2.38
C LYS B 218 3.45 -30.41 2.20
N VAL B 219 2.97 -29.23 1.84
CA VAL B 219 3.87 -28.10 1.70
C VAL B 219 4.43 -27.78 3.09
N PHE B 220 3.58 -27.89 4.11
CA PHE B 220 4.07 -27.63 5.46
C PHE B 220 5.05 -28.68 5.96
N GLU B 221 4.98 -29.90 5.41
CA GLU B 221 5.94 -30.93 5.81
C GLU B 221 7.30 -30.44 5.32
N ILE B 222 7.32 -29.79 4.16
CA ILE B 222 8.56 -29.26 3.60
C ILE B 222 9.07 -28.11 4.46
N PHE B 223 8.17 -27.22 4.87
CA PHE B 223 8.58 -26.10 5.72
C PHE B 223 9.17 -26.65 7.02
N HIS B 224 8.53 -27.67 7.56
CA HIS B 224 9.00 -28.27 8.81
C HIS B 224 10.39 -28.88 8.66
N GLU B 225 10.60 -29.65 7.59
CA GLU B 225 11.90 -30.26 7.40
C GLU B 225 12.98 -29.21 7.13
N ALA B 226 12.60 -28.12 6.48
CA ALA B 226 13.53 -27.04 6.17
C ALA B 226 14.06 -26.43 7.45
N GLY B 227 13.23 -26.40 8.49
CA GLY B 227 13.67 -25.88 9.76
C GLY B 227 13.25 -24.46 10.14
N PHE B 228 12.13 -23.97 9.61
CA PHE B 228 11.68 -22.64 9.99
C PHE B 228 11.46 -22.69 11.51
N PRO B 229 11.93 -21.67 12.24
CA PRO B 229 11.74 -21.66 13.69
C PRO B 229 10.28 -21.77 14.09
N PRO B 230 10.00 -22.36 15.26
CA PRO B 230 8.62 -22.50 15.72
C PRO B 230 7.85 -21.18 15.68
N GLY B 231 6.64 -21.22 15.11
CA GLY B 231 5.83 -20.02 15.04
C GLY B 231 5.97 -19.16 13.80
N VAL B 232 7.06 -19.32 13.05
CA VAL B 232 7.26 -18.51 11.85
C VAL B 232 6.18 -18.78 10.79
N VAL B 233 5.85 -20.05 10.58
CA VAL B 233 4.78 -20.41 9.65
C VAL B 233 3.84 -21.37 10.36
N ASN B 234 2.54 -21.14 10.21
CA ASN B 234 1.53 -21.96 10.85
C ASN B 234 0.45 -22.34 9.84
N PHE B 235 -0.08 -23.56 10.00
CA PHE B 235 -1.06 -24.14 9.09
C PHE B 235 -2.40 -24.40 9.79
N LEU B 236 -3.45 -23.70 9.33
CA LEU B 236 -4.77 -23.83 9.95
C LEU B 236 -5.92 -24.16 9.01
N PRO B 237 -6.01 -25.42 8.55
CA PRO B 237 -7.12 -25.77 7.67
C PRO B 237 -8.41 -25.62 8.48
N GLY B 238 -9.49 -25.19 7.83
CA GLY B 238 -10.74 -25.03 8.54
C GLY B 238 -11.94 -25.03 7.61
N VAL B 239 -13.14 -25.11 8.18
CA VAL B 239 -14.37 -25.13 7.39
C VAL B 239 -15.14 -23.83 7.59
N GLY B 240 -15.60 -23.24 6.50
CA GLY B 240 -16.36 -22.01 6.62
C GLY B 240 -15.49 -20.79 6.89
N GLU B 241 -16.14 -19.68 7.23
CA GLU B 241 -15.45 -18.42 7.48
C GLU B 241 -14.92 -18.22 8.89
N GLU B 242 -15.19 -19.14 9.81
CA GLU B 242 -14.76 -18.99 11.20
C GLU B 242 -13.32 -18.51 11.40
N VAL B 243 -12.35 -19.32 10.99
CA VAL B 243 -10.94 -18.97 11.17
C VAL B 243 -10.55 -17.69 10.44
N GLY B 244 -10.92 -17.60 9.17
CA GLY B 244 -10.59 -16.43 8.37
C GLY B 244 -11.15 -15.13 8.95
N ALA B 245 -12.43 -15.15 9.31
CA ALA B 245 -13.07 -13.97 9.87
C ALA B 245 -12.42 -13.56 11.18
N TYR B 246 -12.14 -14.54 12.03
CA TYR B 246 -11.53 -14.29 13.33
C TYR B 246 -10.19 -13.58 13.20
N LEU B 247 -9.37 -14.05 12.26
CA LEU B 247 -8.05 -13.45 12.06
C LEU B 247 -8.09 -12.11 11.33
N VAL B 248 -8.89 -12.03 10.27
CA VAL B 248 -9.01 -10.78 9.52
C VAL B 248 -9.48 -9.62 10.39
N GLU B 249 -10.39 -9.88 11.31
CA GLU B 249 -10.94 -8.82 12.17
C GLU B 249 -10.20 -8.67 13.50
N HIS B 250 -9.20 -9.50 13.73
CA HIS B 250 -8.43 -9.48 14.97
C HIS B 250 -7.60 -8.22 15.13
N PRO B 251 -7.62 -7.61 16.33
CA PRO B 251 -6.84 -6.39 16.56
C PRO B 251 -5.34 -6.63 16.50
N ARG B 252 -4.93 -7.89 16.66
CA ARG B 252 -3.52 -8.22 16.65
C ARG B 252 -3.00 -8.85 15.35
N ILE B 253 -3.79 -8.79 14.29
CA ILE B 253 -3.32 -9.29 12.99
C ILE B 253 -2.79 -8.03 12.29
N ARG B 254 -1.53 -8.08 11.87
CA ARG B 254 -0.87 -6.94 11.25
C ARG B 254 -1.16 -6.73 9.77
N PHE B 255 -1.27 -7.83 9.02
CA PHE B 255 -1.56 -7.74 7.59
C PHE B 255 -2.34 -8.96 7.14
N ILE B 256 -2.98 -8.84 5.98
CA ILE B 256 -3.76 -9.91 5.40
C ILE B 256 -3.37 -10.07 3.94
N ASN B 257 -3.03 -11.28 3.55
CA ASN B 257 -2.65 -11.55 2.16
C ASN B 257 -3.71 -12.54 1.67
N PHE B 258 -4.50 -12.11 0.69
CA PHE B 258 -5.61 -12.91 0.18
C PHE B 258 -5.68 -13.04 -1.34
N THR B 259 -6.04 -14.24 -1.80
CA THR B 259 -6.24 -14.49 -3.21
C THR B 259 -7.51 -15.34 -3.27
N GLY B 260 -8.53 -14.85 -3.97
CA GLY B 260 -9.77 -15.60 -4.05
C GLY B 260 -10.86 -14.81 -4.76
N SER B 261 -12.11 -15.08 -4.42
CA SER B 261 -13.24 -14.41 -5.05
C SER B 261 -13.35 -12.94 -4.67
N LEU B 262 -13.97 -12.16 -5.56
CA LEU B 262 -14.18 -10.75 -5.32
C LEU B 262 -15.10 -10.54 -4.11
N GLU B 263 -16.12 -11.39 -4.01
CA GLU B 263 -17.07 -11.31 -2.91
C GLU B 263 -16.35 -11.30 -1.56
N VAL B 264 -15.46 -12.26 -1.37
CA VAL B 264 -14.70 -12.38 -0.14
C VAL B 264 -13.66 -11.26 -0.02
N GLY B 265 -13.01 -10.94 -1.14
CA GLY B 265 -12.00 -9.90 -1.14
C GLY B 265 -12.56 -8.54 -0.72
N LEU B 266 -13.77 -8.23 -1.15
CA LEU B 266 -14.39 -6.96 -0.78
C LEU B 266 -14.63 -6.91 0.72
N LYS B 267 -15.09 -8.03 1.29
CA LYS B 267 -15.34 -8.08 2.73
C LYS B 267 -14.05 -7.95 3.51
N ILE B 268 -12.99 -8.58 3.03
CA ILE B 268 -11.70 -8.53 3.70
C ILE B 268 -11.14 -7.10 3.67
N TYR B 269 -11.22 -6.45 2.52
CA TYR B 269 -10.69 -5.10 2.40
C TYR B 269 -11.47 -4.13 3.29
N GLU B 270 -12.79 -4.34 3.39
CA GLU B 270 -13.60 -3.46 4.22
C GLU B 270 -13.25 -3.65 5.69
N ALA B 271 -13.12 -4.91 6.10
CA ALA B 271 -12.78 -5.21 7.49
C ALA B 271 -11.39 -4.70 7.85
N ALA B 272 -10.46 -4.80 6.93
CA ALA B 272 -9.08 -4.36 7.16
C ALA B 272 -9.03 -2.84 7.41
N GLY B 273 -10.01 -2.13 6.87
CA GLY B 273 -10.06 -0.69 7.04
C GLY B 273 -10.56 -0.23 8.40
N ARG B 274 -11.11 -1.15 9.18
CA ARG B 274 -11.64 -0.83 10.49
C ARG B 274 -10.64 -1.03 11.62
N LEU B 275 -10.75 -0.20 12.65
CA LEU B 275 -9.88 -0.32 13.82
C LEU B 275 -10.61 -1.19 14.83
N ALA B 276 -10.17 -2.44 14.99
CA ALA B 276 -10.78 -3.34 15.95
C ALA B 276 -10.47 -2.85 17.36
N PRO B 277 -11.31 -3.18 18.33
CA PRO B 277 -11.05 -2.72 19.71
C PRO B 277 -9.66 -3.07 20.20
N GLY B 278 -8.88 -2.05 20.58
CA GLY B 278 -7.54 -2.27 21.08
C GLY B 278 -6.45 -2.33 20.03
N GLN B 279 -6.84 -2.25 18.76
CA GLN B 279 -5.89 -2.30 17.66
C GLN B 279 -4.99 -1.07 17.68
N THR B 280 -3.70 -1.27 17.43
CA THR B 280 -2.74 -0.16 17.45
C THR B 280 -2.01 0.12 16.14
N TRP B 281 -2.65 -0.18 15.02
CA TRP B 281 -2.05 0.08 13.71
C TRP B 281 -3.09 0.07 12.62
N PHE B 282 -2.70 0.54 11.44
CA PHE B 282 -3.56 0.52 10.28
C PHE B 282 -3.19 -0.75 9.53
N LYS B 283 -4.14 -1.69 9.44
CA LYS B 283 -3.88 -2.95 8.77
C LYS B 283 -3.62 -2.81 7.28
N ARG B 284 -2.75 -3.67 6.77
CA ARG B 284 -2.47 -3.70 5.35
C ARG B 284 -3.16 -4.95 4.85
N ALA B 285 -3.89 -4.82 3.76
CA ALA B 285 -4.59 -5.96 3.17
C ALA B 285 -4.30 -5.99 1.68
N TYR B 286 -3.75 -7.12 1.23
CA TYR B 286 -3.44 -7.29 -0.18
C TYR B 286 -4.39 -8.34 -0.72
N VAL B 287 -5.12 -7.98 -1.78
CA VAL B 287 -6.08 -8.91 -2.34
C VAL B 287 -6.00 -9.06 -3.85
N GLU B 288 -6.07 -10.29 -4.32
CA GLU B 288 -6.08 -10.62 -5.75
C GLU B 288 -7.47 -11.26 -5.84
N THR B 289 -8.35 -10.62 -6.62
CA THR B 289 -9.74 -11.03 -6.69
C THR B 289 -10.39 -11.47 -8.00
N GLY B 290 -9.62 -12.08 -8.90
CA GLY B 290 -10.18 -12.58 -10.13
C GLY B 290 -10.24 -11.63 -11.32
N GLY B 291 -10.90 -12.09 -12.38
CA GLY B 291 -11.02 -11.27 -13.57
C GLY B 291 -12.05 -11.80 -14.56
N LYS B 292 -12.24 -11.08 -15.66
CA LYS B 292 -13.15 -11.49 -16.74
C LYS B 292 -12.28 -11.15 -17.94
N ASP B 293 -11.29 -12.00 -18.14
CA ASP B 293 -10.26 -11.80 -19.15
C ASP B 293 -10.63 -12.10 -20.59
N ALA B 294 -10.25 -11.19 -21.46
CA ALA B 294 -10.54 -11.32 -22.88
C ALA B 294 -9.31 -11.41 -23.77
N ILE B 295 -9.48 -12.10 -24.89
CA ILE B 295 -8.45 -12.17 -25.91
C ILE B 295 -9.13 -11.53 -27.12
N ILE B 296 -8.46 -10.54 -27.70
CA ILE B 296 -8.95 -9.86 -28.88
C ILE B 296 -8.22 -10.42 -30.08
N VAL B 297 -8.93 -10.69 -31.17
CA VAL B 297 -8.29 -11.15 -32.39
C VAL B 297 -8.80 -10.29 -33.53
N ASP B 298 -7.89 -9.71 -34.31
CA ASP B 298 -8.33 -8.91 -35.45
C ASP B 298 -8.03 -9.65 -36.75
N GLU B 299 -8.44 -9.06 -37.88
CA GLU B 299 -8.27 -9.72 -39.17
C GLU B 299 -6.86 -9.92 -39.70
N THR B 300 -5.87 -9.32 -39.04
CA THR B 300 -4.49 -9.47 -39.49
C THR B 300 -3.76 -10.60 -38.79
N ALA B 301 -4.41 -11.22 -37.81
CA ALA B 301 -3.80 -12.28 -37.03
C ALA B 301 -3.58 -13.61 -37.74
N ASP B 302 -2.74 -14.43 -37.12
CA ASP B 302 -2.49 -15.77 -37.61
C ASP B 302 -3.63 -16.49 -36.89
N PHE B 303 -4.70 -16.77 -37.63
CA PHE B 303 -5.89 -17.40 -37.07
C PHE B 303 -5.69 -18.76 -36.40
N ASP B 304 -4.78 -19.58 -36.92
CA ASP B 304 -4.53 -20.88 -36.32
C ASP B 304 -3.80 -20.70 -34.99
N LEU B 305 -2.84 -19.77 -34.96
CA LEU B 305 -2.11 -19.51 -33.73
C LEU B 305 -3.07 -18.98 -32.68
N ALA B 306 -3.94 -18.08 -33.10
CA ALA B 306 -4.93 -17.49 -32.19
C ALA B 306 -5.86 -18.54 -31.61
N ALA B 307 -6.39 -19.41 -32.46
CA ALA B 307 -7.31 -20.43 -31.98
C ALA B 307 -6.66 -21.34 -30.94
N GLU B 308 -5.40 -21.70 -31.18
CA GLU B 308 -4.67 -22.56 -30.25
C GLU B 308 -4.50 -21.85 -28.91
N GLY B 309 -4.08 -20.59 -28.95
CA GLY B 309 -3.90 -19.83 -27.72
C GLY B 309 -5.19 -19.61 -26.95
N VAL B 310 -6.27 -19.39 -27.67
CA VAL B 310 -7.57 -19.18 -27.05
C VAL B 310 -8.03 -20.43 -26.33
N VAL B 311 -7.90 -21.58 -27.00
CA VAL B 311 -8.32 -22.84 -26.39
C VAL B 311 -7.50 -23.17 -25.14
N VAL B 312 -6.19 -22.93 -25.20
CA VAL B 312 -5.33 -23.18 -24.05
C VAL B 312 -5.72 -22.25 -22.90
N SER B 313 -5.91 -20.97 -23.22
CA SER B 313 -6.26 -19.97 -22.22
C SER B 313 -7.64 -20.14 -21.61
N ALA B 314 -8.59 -20.57 -22.41
CA ALA B 314 -9.96 -20.73 -21.94
C ALA B 314 -10.23 -22.02 -21.18
N TYR B 315 -9.60 -23.11 -21.60
CA TYR B 315 -9.87 -24.40 -20.99
C TYR B 315 -8.77 -25.05 -20.14
N GLY B 316 -7.61 -24.42 -20.04
CA GLY B 316 -6.55 -24.98 -19.20
C GLY B 316 -7.09 -25.04 -17.78
N PHE B 317 -6.87 -26.16 -17.09
CA PHE B 317 -7.39 -26.41 -15.75
C PHE B 317 -8.89 -26.07 -15.68
N GLN B 318 -9.58 -26.47 -16.72
CA GLN B 318 -11.02 -26.29 -16.83
C GLN B 318 -11.50 -24.85 -16.69
N GLY B 319 -10.65 -23.90 -17.05
CA GLY B 319 -11.01 -22.49 -16.95
C GLY B 319 -11.07 -21.95 -15.54
N GLN B 320 -10.56 -22.73 -14.58
CA GLN B 320 -10.57 -22.33 -13.18
C GLN B 320 -9.33 -21.51 -12.82
N LYS B 321 -9.13 -20.42 -13.54
CA LYS B 321 -7.98 -19.55 -13.29
C LYS B 321 -8.46 -18.10 -13.38
N CYS B 322 -7.88 -17.25 -12.54
CA CYS B 322 -8.24 -15.84 -12.54
C CYS B 322 -7.75 -15.19 -13.83
N SER B 323 -6.84 -15.89 -14.51
CA SER B 323 -6.23 -15.45 -15.77
C SER B 323 -6.86 -16.05 -17.01
N ALA B 324 -7.80 -16.98 -16.83
CA ALA B 324 -8.42 -17.68 -17.95
C ALA B 324 -9.16 -16.79 -18.93
N ALA B 325 -9.03 -17.09 -20.22
CA ALA B 325 -9.75 -16.32 -21.22
C ALA B 325 -11.21 -16.76 -21.16
N SER B 326 -12.08 -15.87 -20.70
CA SER B 326 -13.51 -16.18 -20.61
C SER B 326 -14.28 -15.38 -21.64
N ARG B 327 -13.59 -14.48 -22.33
CA ARG B 327 -14.20 -13.68 -23.39
C ARG B 327 -13.29 -13.72 -24.62
N LEU B 328 -13.89 -13.89 -25.79
CA LEU B 328 -13.15 -13.89 -27.05
C LEU B 328 -13.80 -12.78 -27.87
N ILE B 329 -13.06 -11.69 -28.06
CA ILE B 329 -13.56 -10.54 -28.80
C ILE B 329 -12.98 -10.56 -30.21
N LEU B 330 -13.85 -10.74 -31.19
CA LEU B 330 -13.43 -10.83 -32.57
C LEU B 330 -13.95 -9.69 -33.44
N THR B 331 -13.05 -9.07 -34.20
CA THR B 331 -13.47 -8.00 -35.11
C THR B 331 -14.20 -8.71 -36.25
N GLN B 332 -14.99 -7.97 -37.01
CA GLN B 332 -15.77 -8.57 -38.10
C GLN B 332 -14.98 -9.48 -39.04
N GLY B 333 -13.81 -9.03 -39.49
CA GLY B 333 -13.01 -9.81 -40.40
C GLY B 333 -12.41 -11.08 -39.81
N ALA B 334 -12.27 -11.11 -38.48
CA ALA B 334 -11.70 -12.27 -37.82
C ALA B 334 -12.74 -13.22 -37.24
N TYR B 335 -13.99 -12.76 -37.17
CA TYR B 335 -15.06 -13.56 -36.57
C TYR B 335 -15.23 -14.99 -37.07
N GLU B 336 -15.65 -15.16 -38.33
CA GLU B 336 -15.86 -16.51 -38.84
C GLU B 336 -14.61 -17.39 -38.84
N PRO B 337 -13.50 -16.89 -39.40
CA PRO B 337 -12.25 -17.68 -39.43
C PRO B 337 -11.77 -18.16 -38.06
N VAL B 338 -11.80 -17.29 -37.07
CA VAL B 338 -11.34 -17.66 -35.74
C VAL B 338 -12.34 -18.55 -35.00
N LEU B 339 -13.62 -18.20 -35.05
CA LEU B 339 -14.63 -18.99 -34.37
C LEU B 339 -14.66 -20.42 -34.88
N GLU B 340 -14.58 -20.61 -36.19
CA GLU B 340 -14.62 -21.96 -36.74
C GLU B 340 -13.42 -22.77 -36.26
N ARG B 341 -12.26 -22.13 -36.19
CA ARG B 341 -11.04 -22.80 -35.74
C ARG B 341 -11.10 -23.12 -34.25
N VAL B 342 -11.65 -22.20 -33.47
CA VAL B 342 -11.78 -22.42 -32.03
C VAL B 342 -12.74 -23.59 -31.76
N LEU B 343 -13.85 -23.62 -32.49
CA LEU B 343 -14.81 -24.70 -32.31
C LEU B 343 -14.21 -26.05 -32.68
N LYS B 344 -13.49 -26.08 -33.81
CA LYS B 344 -12.88 -27.32 -34.26
C LYS B 344 -11.87 -27.86 -33.25
N ARG B 345 -11.06 -26.97 -32.68
CA ARG B 345 -10.07 -27.39 -31.68
C ARG B 345 -10.73 -27.77 -30.37
N ALA B 346 -11.68 -26.96 -29.92
CA ALA B 346 -12.36 -27.21 -28.66
C ALA B 346 -13.15 -28.53 -28.65
N GLU B 347 -13.73 -28.88 -29.79
CA GLU B 347 -14.52 -30.10 -29.85
C GLU B 347 -13.68 -31.37 -29.77
N ARG B 348 -12.36 -31.23 -29.93
CA ARG B 348 -11.46 -32.38 -29.86
C ARG B 348 -10.84 -32.56 -28.47
N LEU B 349 -11.17 -31.67 -27.54
CA LEU B 349 -10.62 -31.74 -26.20
C LEU B 349 -11.24 -32.89 -25.41
N SER B 350 -10.39 -33.65 -24.71
CA SER B 350 -10.87 -34.76 -23.90
C SER B 350 -11.19 -34.30 -22.49
N VAL B 351 -12.17 -34.95 -21.87
CA VAL B 351 -12.57 -34.63 -20.51
C VAL B 351 -12.70 -35.94 -19.75
N GLY B 352 -12.07 -36.03 -18.59
CA GLY B 352 -12.15 -37.25 -17.80
C GLY B 352 -11.31 -37.18 -16.55
N PRO B 353 -11.15 -38.31 -15.85
CA PRO B 353 -10.35 -38.38 -14.63
C PRO B 353 -8.99 -37.73 -14.85
N ALA B 354 -8.63 -36.79 -13.99
CA ALA B 354 -7.37 -36.05 -14.12
C ALA B 354 -6.13 -36.92 -14.23
N GLU B 355 -6.10 -38.04 -13.51
CA GLU B 355 -4.93 -38.90 -13.53
C GLU B 355 -4.61 -39.48 -14.91
N GLU B 356 -5.59 -39.50 -15.80
CA GLU B 356 -5.37 -40.04 -17.14
C GLU B 356 -4.82 -38.96 -18.07
N ASN B 357 -4.53 -37.81 -17.49
CA ASN B 357 -3.99 -36.66 -18.22
C ASN B 357 -4.83 -36.21 -19.41
N PRO B 358 -6.12 -35.96 -19.18
CA PRO B 358 -7.03 -35.51 -20.24
C PRO B 358 -6.76 -34.03 -20.46
N ASP B 359 -7.36 -33.45 -21.50
CA ASP B 359 -7.17 -32.02 -21.73
C ASP B 359 -7.85 -31.28 -20.59
N LEU B 360 -8.98 -31.83 -20.13
CA LEU B 360 -9.71 -31.25 -19.01
C LEU B 360 -10.06 -32.30 -17.97
N GLY B 361 -9.81 -31.98 -16.71
CA GLY B 361 -10.19 -32.86 -15.64
C GLY B 361 -11.55 -32.36 -15.20
N PRO B 362 -12.00 -32.69 -13.99
CA PRO B 362 -13.30 -32.24 -13.48
C PRO B 362 -13.15 -30.87 -12.83
N VAL B 363 -14.27 -30.18 -12.59
CA VAL B 363 -14.16 -28.93 -11.88
C VAL B 363 -13.91 -29.40 -10.45
N VAL B 364 -13.45 -28.51 -9.58
CA VAL B 364 -13.04 -28.90 -8.23
C VAL B 364 -14.02 -29.45 -7.19
N SER B 365 -15.30 -29.11 -7.27
CA SER B 365 -16.24 -29.59 -6.26
C SER B 365 -17.67 -29.55 -6.73
N ALA B 366 -18.56 -30.13 -5.92
CA ALA B 366 -19.98 -30.14 -6.23
C ALA B 366 -20.49 -28.70 -6.29
N GLU B 367 -20.00 -27.86 -5.39
CA GLU B 367 -20.41 -26.46 -5.36
C GLU B 367 -19.96 -25.74 -6.63
N GLN B 368 -18.73 -25.98 -7.06
CA GLN B 368 -18.25 -25.34 -8.27
C GLN B 368 -19.05 -25.81 -9.47
N GLU B 369 -19.38 -27.10 -9.47
CA GLU B 369 -20.17 -27.68 -10.56
C GLU B 369 -21.52 -26.98 -10.62
N ARG B 370 -22.15 -26.81 -9.46
CA ARG B 370 -23.46 -26.16 -9.38
C ARG B 370 -23.38 -24.74 -9.94
N LYS B 371 -22.32 -24.02 -9.57
CA LYS B 371 -22.14 -22.65 -10.03
C LYS B 371 -21.96 -22.56 -11.54
N VAL B 372 -21.08 -23.39 -12.09
CA VAL B 372 -20.82 -23.37 -13.52
C VAL B 372 -22.06 -23.75 -14.32
N LEU B 373 -22.77 -24.79 -13.89
CA LEU B 373 -23.97 -25.19 -14.60
C LEU B 373 -25.02 -24.09 -14.53
N SER B 374 -25.07 -23.39 -13.39
CA SER B 374 -26.03 -22.30 -13.24
C SER B 374 -25.74 -21.18 -14.23
N TYR B 375 -24.45 -20.86 -14.42
CA TYR B 375 -24.08 -19.83 -15.37
C TYR B 375 -24.37 -20.26 -16.80
N ILE B 376 -24.32 -21.56 -17.05
CA ILE B 376 -24.61 -22.08 -18.38
C ILE B 376 -26.10 -21.84 -18.66
N GLU B 377 -26.94 -22.03 -17.64
CA GLU B 377 -28.37 -21.79 -17.82
C GLU B 377 -28.60 -20.30 -18.09
N ILE B 378 -27.89 -19.46 -17.35
CA ILE B 378 -28.00 -18.02 -17.53
C ILE B 378 -27.57 -17.67 -18.96
N GLY B 379 -26.47 -18.25 -19.40
CA GLY B 379 -25.97 -18.00 -20.74
C GLY B 379 -26.95 -18.34 -21.85
N LYS B 380 -27.76 -19.37 -21.64
CA LYS B 380 -28.72 -19.78 -22.65
C LYS B 380 -29.78 -18.71 -22.90
N ASN B 381 -29.94 -17.79 -21.96
CA ASN B 381 -30.90 -16.70 -22.10
C ASN B 381 -30.25 -15.43 -22.62
N GLU B 382 -28.92 -15.42 -22.72
CA GLU B 382 -28.20 -14.24 -23.17
C GLU B 382 -27.48 -14.41 -24.50
N GLY B 383 -26.89 -15.59 -24.72
CA GLY B 383 -26.18 -15.83 -25.96
C GLY B 383 -26.63 -17.11 -26.63
N GLN B 384 -25.91 -17.52 -27.66
CA GLN B 384 -26.23 -18.74 -28.40
C GLN B 384 -25.24 -19.84 -28.05
N LEU B 385 -25.75 -20.93 -27.47
CA LEU B 385 -24.91 -22.06 -27.11
C LEU B 385 -24.54 -22.80 -28.39
N VAL B 386 -23.24 -22.85 -28.70
CA VAL B 386 -22.79 -23.54 -29.91
C VAL B 386 -21.88 -24.75 -29.65
N LEU B 387 -21.47 -24.94 -28.41
CA LEU B 387 -20.62 -26.08 -28.06
C LEU B 387 -20.71 -26.43 -26.58
N GLY B 388 -20.77 -27.73 -26.30
CA GLY B 388 -20.85 -28.19 -24.92
C GLY B 388 -22.06 -27.71 -24.15
N GLY B 389 -21.83 -27.18 -22.96
CA GLY B 389 -22.92 -26.67 -22.15
C GLY B 389 -23.58 -27.70 -21.25
N LYS B 390 -22.91 -28.81 -20.99
CA LYS B 390 -23.51 -29.82 -20.13
C LYS B 390 -22.55 -30.70 -19.37
N ARG B 391 -23.11 -31.34 -18.35
CA ARG B 391 -22.41 -32.26 -17.47
C ARG B 391 -22.17 -33.56 -18.25
N LEU B 392 -20.99 -34.15 -18.09
CA LEU B 392 -20.69 -35.40 -18.76
C LEU B 392 -20.97 -36.54 -17.79
N GLU B 393 -20.99 -37.78 -18.28
CA GLU B 393 -21.29 -38.92 -17.44
C GLU B 393 -20.20 -39.31 -16.44
N GLY B 394 -20.62 -39.69 -15.24
CA GLY B 394 -19.68 -40.09 -14.21
C GLY B 394 -19.91 -39.31 -12.93
N GLU B 395 -19.51 -39.86 -11.78
CA GLU B 395 -19.73 -39.14 -10.54
C GLU B 395 -18.79 -37.94 -10.45
N GLY B 396 -17.67 -38.00 -11.17
CA GLY B 396 -16.72 -36.89 -11.17
C GLY B 396 -17.40 -35.66 -11.75
N TYR B 397 -16.97 -34.47 -11.34
CA TYR B 397 -17.59 -33.23 -11.81
C TYR B 397 -17.10 -32.79 -13.18
N PHE B 398 -17.37 -33.62 -14.18
CA PHE B 398 -16.94 -33.37 -15.56
C PHE B 398 -17.92 -32.48 -16.34
N ILE B 399 -17.41 -31.34 -16.80
CA ILE B 399 -18.20 -30.40 -17.58
C ILE B 399 -17.49 -30.21 -18.92
N ALA B 400 -18.26 -30.27 -20.00
CA ALA B 400 -17.70 -30.13 -21.33
C ALA B 400 -17.30 -28.70 -21.67
N PRO B 401 -16.26 -28.54 -22.49
CA PRO B 401 -15.79 -27.20 -22.92
C PRO B 401 -17.02 -26.55 -23.51
N THR B 402 -17.32 -25.33 -23.08
CA THR B 402 -18.52 -24.64 -23.53
C THR B 402 -18.24 -23.32 -24.25
N VAL B 403 -19.02 -23.05 -25.29
CA VAL B 403 -18.88 -21.83 -26.06
C VAL B 403 -20.24 -21.20 -26.34
N PHE B 404 -20.37 -19.91 -26.03
CA PHE B 404 -21.58 -19.13 -26.31
C PHE B 404 -21.13 -18.07 -27.31
N THR B 405 -21.92 -17.85 -28.36
CA THR B 405 -21.58 -16.85 -29.36
C THR B 405 -22.64 -15.75 -29.38
N GLU B 406 -22.37 -14.68 -30.13
CA GLU B 406 -23.27 -13.54 -30.24
C GLU B 406 -23.68 -13.06 -28.85
N VAL B 407 -22.73 -13.03 -27.93
CA VAL B 407 -22.99 -12.61 -26.56
C VAL B 407 -22.90 -11.08 -26.41
N PRO B 408 -23.96 -10.45 -25.85
CA PRO B 408 -23.94 -9.00 -25.66
C PRO B 408 -22.83 -8.64 -24.66
N PRO B 409 -22.06 -7.59 -24.94
CA PRO B 409 -20.97 -7.17 -24.04
C PRO B 409 -21.36 -7.01 -22.58
N LYS B 410 -22.60 -6.59 -22.32
CA LYS B 410 -23.05 -6.39 -20.95
C LYS B 410 -23.86 -7.54 -20.36
N ALA B 411 -23.86 -8.68 -21.04
CA ALA B 411 -24.57 -9.86 -20.55
C ALA B 411 -23.87 -10.36 -19.29
N ARG B 412 -24.60 -11.01 -18.41
CA ARG B 412 -24.01 -11.52 -17.18
C ARG B 412 -22.83 -12.46 -17.46
N ILE B 413 -22.94 -13.31 -18.47
CA ILE B 413 -21.83 -14.22 -18.77
C ILE B 413 -20.66 -13.51 -19.45
N ALA B 414 -20.83 -12.23 -19.76
CA ALA B 414 -19.76 -11.45 -20.38
C ALA B 414 -19.19 -10.48 -19.36
N GLN B 415 -19.73 -10.51 -18.14
CA GLN B 415 -19.31 -9.62 -17.07
C GLN B 415 -18.86 -10.28 -15.78
N GLU B 416 -19.49 -11.40 -15.43
CA GLU B 416 -19.22 -12.10 -14.19
C GLU B 416 -18.27 -13.29 -14.35
N GLU B 417 -17.39 -13.46 -13.37
CA GLU B 417 -16.42 -14.54 -13.38
C GLU B 417 -17.08 -15.88 -13.10
N ILE B 418 -17.13 -16.73 -14.12
CA ILE B 418 -17.74 -18.05 -14.01
C ILE B 418 -16.77 -19.08 -13.41
N PHE B 419 -15.49 -18.92 -13.73
CA PHE B 419 -14.45 -19.81 -13.21
C PHE B 419 -14.71 -21.26 -13.60
N GLY B 420 -15.11 -21.45 -14.85
CA GLY B 420 -15.39 -22.76 -15.38
C GLY B 420 -15.01 -22.78 -16.86
N PRO B 421 -15.17 -23.92 -17.55
CA PRO B 421 -14.82 -24.01 -18.96
C PRO B 421 -15.89 -23.42 -19.86
N VAL B 422 -16.13 -22.11 -19.71
CA VAL B 422 -17.16 -21.42 -20.48
C VAL B 422 -16.60 -20.17 -21.13
N LEU B 423 -16.59 -20.16 -22.47
CA LEU B 423 -16.07 -19.04 -23.24
C LEU B 423 -17.21 -18.28 -23.91
N SER B 424 -17.19 -16.96 -23.77
CA SER B 424 -18.21 -16.09 -24.39
C SER B 424 -17.57 -15.36 -25.57
N VAL B 425 -18.15 -15.53 -26.76
CA VAL B 425 -17.62 -14.90 -27.96
C VAL B 425 -18.44 -13.65 -28.31
N ILE B 426 -17.74 -12.53 -28.46
CA ILE B 426 -18.35 -11.25 -28.75
C ILE B 426 -17.85 -10.70 -30.09
N ARG B 427 -18.78 -10.33 -30.97
CA ARG B 427 -18.43 -9.79 -32.28
C ARG B 427 -18.41 -8.26 -32.23
N VAL B 428 -17.33 -7.65 -32.71
CA VAL B 428 -17.24 -6.20 -32.72
C VAL B 428 -16.88 -5.70 -34.12
N LYS B 429 -17.12 -4.42 -34.36
CA LYS B 429 -16.86 -3.81 -35.65
C LYS B 429 -15.39 -3.65 -36.05
N ASP B 430 -14.59 -3.10 -35.15
CA ASP B 430 -13.18 -2.88 -35.43
C ASP B 430 -12.34 -2.99 -34.16
N PHE B 431 -11.05 -2.72 -34.29
CA PHE B 431 -10.15 -2.82 -33.14
C PHE B 431 -10.49 -1.84 -32.03
N ALA B 432 -10.87 -0.62 -32.39
CA ALA B 432 -11.23 0.37 -31.37
C ALA B 432 -12.37 -0.14 -30.52
N GLU B 433 -13.37 -0.72 -31.17
CA GLU B 433 -14.52 -1.24 -30.46
C GLU B 433 -14.10 -2.46 -29.63
N ALA B 434 -13.15 -3.24 -30.16
CA ALA B 434 -12.66 -4.40 -29.44
C ALA B 434 -12.05 -3.96 -28.11
N LEU B 435 -11.28 -2.87 -28.12
CA LEU B 435 -10.67 -2.37 -26.90
C LEU B 435 -11.72 -1.83 -25.93
N GLU B 436 -12.72 -1.15 -26.47
CA GLU B 436 -13.80 -0.61 -25.64
C GLU B 436 -14.50 -1.74 -24.91
N VAL B 437 -14.82 -2.81 -25.63
CA VAL B 437 -15.50 -3.95 -25.03
C VAL B 437 -14.57 -4.66 -24.05
N ALA B 438 -13.30 -4.77 -24.40
CA ALA B 438 -12.33 -5.44 -23.52
C ALA B 438 -12.23 -4.72 -22.18
N ASN B 439 -12.22 -3.40 -22.21
CA ASN B 439 -12.11 -2.61 -20.98
C ASN B 439 -13.39 -2.47 -20.17
N ASP B 440 -14.53 -2.67 -20.82
CA ASP B 440 -15.80 -2.50 -20.14
C ASP B 440 -16.29 -3.66 -19.28
N THR B 441 -15.56 -3.91 -18.19
CA THR B 441 -15.92 -4.91 -17.19
C THR B 441 -15.36 -4.32 -15.89
N PRO B 442 -15.78 -4.85 -14.73
CA PRO B 442 -15.28 -4.32 -13.46
C PRO B 442 -13.85 -4.78 -13.16
N TYR B 443 -13.34 -5.68 -13.98
CA TYR B 443 -12.02 -6.26 -13.76
C TYR B 443 -10.89 -5.72 -14.63
N GLY B 444 -9.69 -6.23 -14.39
CA GLY B 444 -8.53 -5.80 -15.17
C GLY B 444 -7.31 -6.64 -14.85
N LEU B 445 -7.44 -7.96 -14.94
CA LEU B 445 -6.32 -8.85 -14.61
C LEU B 445 -5.48 -9.24 -15.83
N THR B 446 -5.97 -10.14 -16.68
CA THR B 446 -5.21 -10.52 -17.87
C THR B 446 -5.97 -10.18 -19.14
N GLY B 447 -5.22 -10.14 -20.24
CA GLY B 447 -5.83 -9.84 -21.51
C GLY B 447 -4.85 -10.21 -22.59
N GLY B 448 -5.35 -10.42 -23.81
CA GLY B 448 -4.46 -10.76 -24.89
C GLY B 448 -4.93 -10.21 -26.22
N VAL B 449 -3.99 -10.09 -27.15
CA VAL B 449 -4.30 -9.64 -28.49
C VAL B 449 -3.52 -10.44 -29.51
N TYR B 450 -4.24 -10.99 -30.50
CA TYR B 450 -3.59 -11.70 -31.59
C TYR B 450 -3.78 -10.76 -32.77
N SER B 451 -2.66 -10.30 -33.32
CA SER B 451 -2.65 -9.37 -34.45
C SER B 451 -1.23 -9.23 -34.98
N ARG B 452 -1.11 -8.94 -36.26
CA ARG B 452 0.21 -8.72 -36.85
C ARG B 452 0.43 -7.21 -37.02
N LYS B 453 -0.63 -6.42 -36.83
CA LYS B 453 -0.51 -4.98 -37.00
C LYS B 453 0.15 -4.31 -35.80
N ARG B 454 1.36 -3.80 -36.02
CA ARG B 454 2.13 -3.16 -34.95
C ARG B 454 1.35 -2.06 -34.23
N GLU B 455 0.65 -1.24 -35.00
CA GLU B 455 -0.12 -0.14 -34.44
C GLU B 455 -1.21 -0.60 -33.48
N HIS B 456 -1.82 -1.76 -33.77
CA HIS B 456 -2.85 -2.29 -32.88
C HIS B 456 -2.23 -2.82 -31.59
N LEU B 457 -1.10 -3.53 -31.73
CA LEU B 457 -0.42 -4.06 -30.55
C LEU B 457 0.06 -2.94 -29.63
N GLU B 458 0.73 -1.92 -30.18
CA GLU B 458 1.22 -0.85 -29.33
C GLU B 458 0.06 -0.02 -28.76
N TRP B 459 -1.04 0.04 -29.50
CA TRP B 459 -2.23 0.74 -29.04
C TRP B 459 -2.73 0.01 -27.79
N ALA B 460 -2.77 -1.33 -27.86
CA ALA B 460 -3.23 -2.13 -26.73
C ALA B 460 -2.27 -2.01 -25.55
N ARG B 461 -0.97 -1.92 -25.85
CA ARG B 461 0.02 -1.79 -24.79
C ARG B 461 -0.29 -0.56 -23.95
N ARG B 462 -0.80 0.48 -24.60
CA ARG B 462 -1.13 1.71 -23.90
C ARG B 462 -2.56 1.79 -23.36
N GLU B 463 -3.50 1.10 -24.01
CA GLU B 463 -4.91 1.22 -23.59
C GLU B 463 -5.75 0.00 -23.20
N PHE B 464 -5.22 -1.20 -23.36
CA PHE B 464 -5.96 -2.40 -22.96
C PHE B 464 -5.60 -2.45 -21.47
N HIS B 465 -6.49 -1.93 -20.64
CA HIS B 465 -6.26 -1.78 -19.19
C HIS B 465 -6.35 -3.01 -18.30
N VAL B 466 -5.31 -3.85 -18.39
CA VAL B 466 -5.20 -5.06 -17.57
C VAL B 466 -3.76 -5.10 -17.06
N GLY B 467 -3.56 -5.71 -15.89
CA GLY B 467 -2.24 -5.78 -15.31
C GLY B 467 -1.25 -6.68 -16.02
N ASN B 468 -1.77 -7.71 -16.69
CA ASN B 468 -0.94 -8.66 -17.43
C ASN B 468 -1.51 -8.85 -18.82
N LEU B 469 -0.83 -8.27 -19.80
CA LEU B 469 -1.23 -8.30 -21.19
C LEU B 469 -0.26 -9.12 -22.04
N TYR B 470 -0.80 -9.94 -22.94
CA TYR B 470 0.03 -10.79 -23.77
C TYR B 470 -0.33 -10.68 -25.24
N PHE B 471 0.70 -10.61 -26.10
CA PHE B 471 0.48 -10.50 -27.54
C PHE B 471 0.91 -11.74 -28.29
N ASN B 472 -0.01 -12.29 -29.07
CA ASN B 472 0.23 -13.46 -29.90
C ASN B 472 0.70 -14.70 -29.14
N ARG B 473 0.10 -14.90 -27.97
CA ARG B 473 0.36 -16.06 -27.13
C ARG B 473 -0.73 -16.17 -26.07
N LYS B 474 -0.74 -17.30 -25.36
CA LYS B 474 -1.74 -17.54 -24.31
C LYS B 474 -1.67 -16.45 -23.22
N ILE B 475 -2.79 -16.22 -22.54
CA ILE B 475 -2.81 -15.20 -21.51
C ILE B 475 -2.73 -15.75 -20.09
N THR B 476 -2.49 -17.06 -20.00
CA THR B 476 -2.36 -17.73 -18.71
C THR B 476 -0.91 -18.15 -18.54
N GLY B 477 -0.57 -18.62 -17.34
CA GLY B 477 0.78 -19.09 -17.08
C GLY B 477 1.88 -18.07 -16.85
N ALA B 478 1.55 -16.95 -16.25
CA ALA B 478 2.54 -15.92 -15.96
C ALA B 478 3.69 -16.57 -15.19
N LEU B 479 4.92 -16.32 -15.64
CA LEU B 479 6.08 -16.89 -14.98
C LEU B 479 6.69 -15.93 -13.96
N VAL B 480 7.02 -16.47 -12.80
CA VAL B 480 7.64 -15.71 -11.73
C VAL B 480 8.89 -15.00 -12.29
N GLY B 481 9.05 -13.73 -11.95
CA GLY B 481 10.20 -12.98 -12.40
C GLY B 481 10.06 -12.35 -13.77
N VAL B 482 9.53 -13.12 -14.72
CA VAL B 482 9.35 -12.66 -16.10
C VAL B 482 8.14 -11.74 -16.26
N GLN B 483 7.01 -12.18 -15.71
CA GLN B 483 5.76 -11.44 -15.79
C GLN B 483 5.13 -11.15 -14.45
N PRO B 484 5.50 -10.03 -13.81
CA PRO B 484 4.93 -9.65 -12.50
C PRO B 484 3.42 -9.85 -12.62
N PHE B 485 2.83 -10.61 -11.70
CA PHE B 485 1.40 -10.92 -11.80
C PHE B 485 0.46 -10.19 -10.84
N GLY B 486 -0.51 -9.49 -11.39
CA GLY B 486 -1.45 -8.76 -10.57
C GLY B 486 -2.24 -7.80 -11.44
N GLY B 487 -3.45 -7.46 -11.02
CA GLY B 487 -4.28 -6.61 -11.87
C GLY B 487 -4.68 -5.24 -11.39
N PHE B 488 -5.65 -4.69 -12.12
CA PHE B 488 -6.21 -3.37 -11.89
C PHE B 488 -7.69 -3.51 -11.53
N LYS B 489 -8.29 -2.39 -11.16
CA LYS B 489 -9.71 -2.36 -10.85
C LYS B 489 -10.14 -3.42 -9.85
N LEU B 490 -11.28 -4.07 -10.08
CA LEU B 490 -11.73 -5.07 -9.12
C LEU B 490 -11.03 -6.41 -9.16
N SER B 491 -9.89 -6.46 -9.86
CA SER B 491 -9.08 -7.67 -9.90
C SER B 491 -8.14 -7.63 -8.68
N GLY B 492 -8.18 -6.55 -7.92
CA GLY B 492 -7.35 -6.48 -6.74
C GLY B 492 -6.57 -5.22 -6.48
N THR B 493 -5.61 -5.32 -5.57
CA THR B 493 -4.77 -4.20 -5.16
C THR B 493 -3.46 -4.03 -5.93
N ASN B 494 -3.26 -4.82 -6.98
CA ASN B 494 -2.06 -4.75 -7.81
C ASN B 494 -0.78 -5.15 -7.08
N ALA B 495 -0.90 -6.14 -6.19
CA ALA B 495 0.28 -6.65 -5.48
C ALA B 495 0.90 -7.60 -6.49
N LYS B 496 1.94 -7.12 -7.18
CA LYS B 496 2.59 -7.92 -8.22
C LYS B 496 3.42 -9.08 -7.71
N THR B 497 2.88 -10.29 -7.82
CA THR B 497 3.61 -11.45 -7.35
C THR B 497 4.76 -11.77 -8.31
N GLY B 498 5.81 -12.39 -7.78
CA GLY B 498 6.95 -12.74 -8.61
C GLY B 498 7.71 -11.51 -9.12
N ALA B 499 7.69 -10.45 -8.33
CA ALA B 499 8.36 -9.20 -8.69
C ALA B 499 9.02 -8.62 -7.44
N LEU B 500 10.09 -7.85 -7.64
CA LEU B 500 10.79 -7.22 -6.54
C LEU B 500 9.85 -6.42 -5.65
N ASP B 501 8.92 -5.71 -6.28
CA ASP B 501 7.96 -4.87 -5.58
C ASP B 501 7.07 -5.59 -4.57
N TYR B 502 6.86 -6.89 -4.78
CA TYR B 502 5.99 -7.64 -3.88
C TYR B 502 6.45 -7.59 -2.42
N LEU B 503 7.75 -7.75 -2.19
CA LEU B 503 8.27 -7.78 -0.83
C LEU B 503 8.16 -6.47 -0.08
N ARG B 504 8.17 -5.36 -0.81
CA ARG B 504 8.06 -4.03 -0.20
C ARG B 504 6.75 -3.87 0.56
N LEU B 505 5.73 -4.60 0.10
CA LEU B 505 4.41 -4.55 0.72
C LEU B 505 4.41 -5.07 2.15
N PHE B 506 5.42 -5.87 2.49
CA PHE B 506 5.49 -6.47 3.82
C PHE B 506 6.59 -5.86 4.68
N LEU B 507 6.95 -4.63 4.36
CA LEU B 507 7.99 -3.90 5.09
C LEU B 507 7.56 -2.48 5.39
N GLU B 508 8.13 -1.89 6.43
CA GLU B 508 7.90 -0.50 6.76
C GLU B 508 9.31 0.09 6.91
N MET B 509 9.43 1.41 6.80
CA MET B 509 10.74 2.06 6.87
C MET B 509 10.98 2.90 8.11
N LYS B 510 12.21 2.84 8.60
CA LYS B 510 12.64 3.62 9.75
C LYS B 510 13.83 4.48 9.31
N ALA B 511 13.86 5.73 9.77
CA ALA B 511 14.94 6.65 9.45
C ALA B 511 15.57 7.08 10.78
N VAL B 512 16.87 6.84 10.92
CA VAL B 512 17.58 7.16 12.15
C VAL B 512 18.75 8.09 11.89
N ALA B 513 18.76 9.21 12.61
CA ALA B 513 19.81 10.19 12.46
C ALA B 513 20.64 10.36 13.74
N GLU B 514 21.95 10.48 13.59
CA GLU B 514 22.80 10.74 14.75
C GLU B 514 23.63 11.97 14.46
N ARG B 515 23.50 12.98 15.30
CA ARG B 515 24.27 14.21 15.17
C ARG B 515 25.50 13.99 16.04
N PHE B 516 26.67 13.96 15.43
CA PHE B 516 27.91 13.73 16.16
C PHE B 516 28.39 14.91 16.99
N GLU C . 7.97 16.81 9.10
CA GLU C . 7.72 17.72 10.27
C GLU C . 8.86 17.61 11.27
O GLU C . 8.93 18.47 12.18
CB GLU C . 6.40 17.34 10.96
CG GLU C . 5.17 17.50 10.08
CD GLU C . 3.88 17.37 10.86
OE1 GLU C . 3.78 17.97 11.94
OE2 GLU C . 2.95 16.68 10.38
OXT GLU C . 9.67 16.68 11.14
C1 MRD D . -18.77 -5.95 -9.56
C2 MRD D . -19.82 -5.27 -8.71
O2 MRD D . -20.94 -6.17 -8.69
CM MRD D . -19.34 -5.04 -7.31
C3 MRD D . -20.35 -3.94 -9.32
C4 MRD D . -19.36 -2.79 -9.54
O4 MRD D . -19.14 -2.08 -8.35
C5 MRD D . -19.95 -1.80 -10.54
C1 MRD E . -14.39 11.30 6.14
C2 MRD E . -14.27 12.70 6.72
O2 MRD E . -15.49 13.38 6.38
CM MRD E . -14.09 12.65 8.20
C3 MRD E . -13.10 13.50 6.09
C4 MRD E . -13.01 14.99 6.43
O4 MRD E . -14.07 15.70 5.82
C5 MRD E . -11.73 15.58 5.86
C1 MPD F . -9.61 36.18 -10.15
C2 MPD F . -8.20 36.36 -9.63
O2 MPD F . -7.32 35.86 -10.65
CM MPD F . -7.92 37.81 -9.36
C3 MPD F . -7.94 35.52 -8.35
C4 MPD F . -6.49 35.40 -7.84
O4 MPD F . -6.02 36.62 -7.32
C5 MPD F . -6.42 34.41 -6.69
C1 MPD G . 15.51 12.03 -6.29
C2 MPD G . 16.93 12.32 -5.85
O2 MPD G . 17.69 12.51 -7.05
CM MPD G . 16.99 13.54 -5.01
C3 MPD G . 17.53 11.12 -5.06
C4 MPD G . 18.97 11.23 -4.53
O4 MPD G . 19.22 10.24 -3.57
C5 MPD G . 20.01 11.07 -5.63
C1 MRD H . 11.81 1.97 -10.15
C2 MRD H . 12.37 1.44 -8.85
O2 MRD H . 11.35 0.57 -8.33
CM MRD H . 13.63 0.66 -9.06
C3 MRD H . 12.59 2.53 -7.76
C4 MRD H . 13.43 3.76 -8.12
O4 MRD H . 14.78 3.44 -8.32
C5 MRD H . 13.39 4.76 -6.97
C1 MPD I . -9.99 17.05 26.64
C2 MPD I . -10.53 17.16 25.23
O2 MPD I . -11.95 17.34 25.37
CM MPD I . -9.92 18.32 24.52
C3 MPD I . -10.28 15.85 24.42
C4 MPD I . -10.69 15.80 22.94
O4 MPD I . -10.20 14.63 22.34
C5 MPD I . -12.21 15.79 22.76
C ACT J . 12.25 -0.72 15.18
O ACT J . 11.34 -1.59 15.19
OXT ACT J . 12.18 0.38 15.77
CH3 ACT J . 13.51 -1.03 14.40
N GLU K . -0.68 -16.67 -12.25
CA GLU K . -1.67 -17.58 -12.88
C GLU K . -1.64 -17.44 -14.40
O GLU K . -2.20 -18.32 -15.08
CB GLU K . -3.08 -17.26 -12.37
CG GLU K . -3.26 -17.48 -10.88
CD GLU K . -4.72 -17.41 -10.44
OE1 GLU K . -5.56 -18.02 -11.13
OE2 GLU K . -5.00 -16.76 -9.41
OXT GLU K . -1.05 -16.44 -14.87
C1 MRD L . -5.95 5.38 20.50
C2 MRD L . -7.27 4.65 20.61
O2 MRD L . -8.11 5.48 21.44
CM MRD L . -7.93 4.46 19.28
C3 MRD L . -7.17 3.29 21.36
C4 MRD L . -6.27 2.19 20.77
O4 MRD L . -6.91 1.54 19.69
C5 MRD L . -6.02 1.12 21.81
C ACT M . -2.91 0.97 -19.28
O ACT M . -3.30 -0.18 -19.58
OXT ACT M . -3.61 1.82 -18.68
CH3 ACT M . -1.50 1.36 -19.66
C1 MPD N . 15.64 -11.30 -7.29
C2 MPD N . 16.23 -11.56 -8.64
O2 MPD N . 17.64 -11.73 -8.43
CM MPD N . 15.66 -12.79 -9.24
C3 MPD N . 16.01 -10.37 -9.60
C4 MPD N . 16.60 -10.43 -11.02
O4 MPD N . 16.02 -9.46 -11.84
C5 MPD N . 18.10 -10.18 -11.03
C1 MRD O . -13.88 -11.93 6.28
C2 MRD O . -14.18 -13.31 5.73
O2 MRD O . -14.71 -14.07 6.84
CM MRD O . -15.17 -13.24 4.62
C3 MRD O . -12.90 -14.04 5.24
C4 MRD O . -13.04 -15.52 4.85
O4 MRD O . -13.35 -16.30 5.98
C5 MRD O . -11.74 -16.05 4.28
#